data_1JMZ
#
_entry.id   1JMZ
#
_cell.length_a   167.21
_cell.length_b   92.37
_cell.length_c   79.30
_cell.angle_alpha   90
_cell.angle_beta   112.0
_cell.angle_gamma   90
#
_symmetry.space_group_name_H-M   'C 1 2 1'
#
loop_
_entity.id
_entity.type
_entity.pdbx_description
1 polymer 'Amine Dehydrogenase'
2 polymer 'Amine Dehydrogenase'
3 polymer 'Amine Dehydrogenase'
4 non-polymer 'NICKEL (II) ION'
5 non-polymer 'HEME C'
6 non-polymer P-NITROPHENYLHYDRAZINE
7 water water
#
loop_
_entity_poly.entity_id
_entity_poly.type
_entity_poly.pdbx_seq_one_letter_code
_entity_poly.pdbx_strand_id
1 'polypeptide(L)'
;AEQGPSLLQNKCMGCHIPEGNDTYSRISHQRKTPEGWLMSIARMQVMHGLQISDDDRRTLVKYLADKQGLAPSETDGVRY
AMERRLNTVEQFDTQLSETCGRCHSGARVALQRRPAKEWEHLVNFHLGQWPSLEYQAQARDRDWLPIALQQVVPDLAKRY
PLESAAWAEWQKARPKADALPGQWAFSGHMLAKGDVRGVMSVTPDQGDTFKVEVKGAYADGTPFNGSGSAILYNGYEWRG
NVKVGDANLRQVFAALDGEMKGRMFEAEHDERGLDFTAVKEGKARLLAVQPAFIKAGGESEITLVGSGLAGKPDLGAGVE
VTEVLEQTPTLVRLKARAAADAKPGQREVAVGTLKGVNLAVYDKVEEVKVVPAFSIARIGENGASVPKVQGRFEAEAWGK
DANGQPLRIGYLPASWKVEPFNERAVEDEDVKFAGKMQADGVFVPGGAGPNPERKMMTNNAGNLKVIATLADGGQTGEGH
MIVTVQRWNNPPLP
;
A
2 'polypeptide(L)'
;ADTGPALKAGHEYMIVTNYPNNLHVVDVASDTVYKSCVMPDKFGPGTAMMAPDNRTAYVLNNHYGDIYGIDLDTCKNTFH
ANLSSVPGEVGRSMYSFAISPDGKEVYATVNPTQRLNDHYVVKPPRLEVFSTADGLEAKPVRTFPMPRQVYLMRAADDGS
LYVAGPDIYKMDVKTGKYTVALPLRNWNRKGYSAPDVLYFWPHQSPRHEFSMLYTIARFKDDKQDPATADLLYGYLSVDL
KTGKTHTQEFADLTELYFTGLRSPKDPNQIYGVLNRLAKYDLKQRKLIKAANLDHTYYCVAFDKKGDKLYLGGTFNDLAV
FNPDTLEKVKNIKLPGGDMSTTTPQVFIR
;
B
3 'polypeptide(L)'
;MSAVAGCTATTDPGWEVDAFGGVSSLCQPMEADLYGCSDPCW(TRQ)PAQVPDMMSTYQDWNAQASNSAEDWRNLGTVFP
KDK
;
G
#
# COMPACT_ATOMS: atom_id res chain seq x y z
N GLU A 2 -11.68 29.38 16.66
CA GLU A 2 -11.35 29.87 18.03
C GLU A 2 -9.85 29.94 18.20
N GLN A 3 -9.39 29.92 19.45
CA GLN A 3 -7.98 29.91 19.75
C GLN A 3 -7.63 28.44 19.86
N GLY A 4 -6.38 28.09 19.58
CA GLY A 4 -5.98 26.70 19.66
C GLY A 4 -6.29 25.98 20.96
N PRO A 5 -5.92 26.55 22.12
CA PRO A 5 -6.17 25.95 23.44
C PRO A 5 -7.60 25.63 23.82
N SER A 6 -8.56 26.48 23.46
CA SER A 6 -9.95 26.22 23.81
C SER A 6 -10.54 25.14 22.91
N LEU A 7 -10.08 25.05 21.67
CA LEU A 7 -10.53 24.03 20.73
C LEU A 7 -9.98 22.69 21.15
N LEU A 8 -8.77 22.70 21.69
CA LEU A 8 -8.13 21.49 22.19
C LEU A 8 -9.00 20.87 23.26
N GLN A 9 -9.46 21.70 24.19
CA GLN A 9 -10.31 21.27 25.29
C GLN A 9 -11.74 20.89 24.83
N ASN A 10 -12.40 21.82 24.14
CA ASN A 10 -13.78 21.62 23.66
C ASN A 10 -13.96 20.40 22.73
N LYS A 11 -12.92 20.10 21.96
CA LYS A 11 -12.97 18.99 20.99
C LYS A 11 -12.24 17.69 21.29
N CYS A 12 -11.19 17.75 22.12
CA CYS A 12 -10.39 16.56 22.41
C CYS A 12 -10.59 15.99 23.82
N MET A 13 -10.97 16.85 24.76
CA MET A 13 -11.18 16.46 26.15
C MET A 13 -12.27 15.37 26.24
N GLY A 14 -12.31 14.65 27.35
CA GLY A 14 -13.29 13.58 27.44
C GLY A 14 -12.55 12.31 27.07
N CYS A 15 -12.00 12.27 25.86
CA CYS A 15 -11.21 11.12 25.41
C CYS A 15 -9.76 11.35 25.83
N HIS A 16 -9.30 12.59 25.78
CA HIS A 16 -7.94 12.94 26.18
C HIS A 16 -7.97 13.67 27.52
N ILE A 17 -7.23 13.13 28.48
CA ILE A 17 -7.19 13.70 29.81
C ILE A 17 -6.37 14.97 29.96
N PRO A 18 -6.95 15.98 30.62
CA PRO A 18 -6.28 17.25 30.86
C PRO A 18 -5.16 17.00 31.85
N GLU A 19 -3.96 17.47 31.53
CA GLU A 19 -2.84 17.28 32.43
C GLU A 19 -2.38 18.59 33.04
N GLY A 20 -3.11 19.67 32.77
CA GLY A 20 -2.74 20.98 33.28
C GLY A 20 -2.24 21.90 32.19
N ASN A 21 -2.35 23.21 32.42
CA ASN A 21 -1.95 24.25 31.45
C ASN A 21 -1.96 23.91 29.96
N ASP A 22 -3.17 23.67 29.46
CA ASP A 22 -3.41 23.35 28.05
C ASP A 22 -2.73 22.10 27.49
N THR A 23 -2.29 21.20 28.37
CA THR A 23 -1.66 19.95 27.94
C THR A 23 -2.61 18.78 28.20
N TYR A 24 -2.57 17.79 27.31
CA TYR A 24 -3.44 16.63 27.37
C TYR A 24 -2.69 15.35 27.12
N SER A 25 -3.28 14.24 27.53
CA SER A 25 -2.66 12.95 27.31
C SER A 25 -2.50 12.70 25.80
N ARG A 26 -1.41 12.05 25.43
CA ARG A 26 -1.07 11.71 24.05
C ARG A 26 -0.66 12.93 23.22
N ILE A 27 -1.60 13.87 23.08
CA ILE A 27 -1.41 15.11 22.31
C ILE A 27 -0.16 15.91 22.64
N SER A 28 0.06 16.19 23.91
CA SER A 28 1.21 16.98 24.34
C SER A 28 2.52 16.22 24.53
N HIS A 29 2.61 15.01 23.98
CA HIS A 29 3.80 14.18 24.14
C HIS A 29 4.35 13.67 22.82
N GLN A 30 3.97 14.34 21.74
CA GLN A 30 4.40 13.98 20.40
C GLN A 30 4.67 15.25 19.60
N ARG A 31 5.60 15.16 18.65
CA ARG A 31 5.92 16.27 17.76
C ARG A 31 5.85 15.72 16.34
N LYS A 32 5.13 16.41 15.47
CA LYS A 32 4.99 15.97 14.07
C LYS A 32 5.02 17.16 13.11
N THR A 33 5.02 16.86 11.82
CA THR A 33 5.00 17.87 10.77
C THR A 33 3.56 18.36 10.67
N PRO A 34 3.32 19.43 9.88
CA PRO A 34 1.95 19.95 9.72
C PRO A 34 1.00 18.87 9.17
N GLU A 35 1.46 18.08 8.19
CA GLU A 35 0.60 17.04 7.64
C GLU A 35 0.48 15.87 8.63
N GLY A 36 1.47 15.72 9.50
CA GLY A 36 1.41 14.68 10.51
C GLY A 36 0.27 14.99 11.47
N TRP A 37 0.15 16.26 11.86
CA TRP A 37 -0.91 16.67 12.76
C TRP A 37 -2.29 16.56 12.11
N LEU A 38 -2.39 16.90 10.83
CA LEU A 38 -3.66 16.78 10.13
C LEU A 38 -4.09 15.31 10.05
N MET A 39 -3.12 14.41 9.87
CA MET A 39 -3.40 12.97 9.79
C MET A 39 -3.89 12.39 11.10
N SER A 40 -3.35 12.87 12.22
CA SER A 40 -3.77 12.40 13.54
C SER A 40 -5.21 12.82 13.85
N ILE A 41 -5.54 14.06 13.51
CA ILE A 41 -6.88 14.58 13.74
C ILE A 41 -7.87 13.91 12.78
N ALA A 42 -7.39 13.62 11.58
CA ALA A 42 -8.20 12.94 10.57
C ALA A 42 -8.54 11.54 11.04
N ARG A 43 -7.62 10.88 11.73
CA ARG A 43 -7.87 9.53 12.24
C ARG A 43 -8.91 9.59 13.34
N MET A 44 -8.93 10.70 14.09
CA MET A 44 -9.88 10.88 15.17
C MET A 44 -11.29 10.96 14.60
N GLN A 45 -11.43 11.57 13.43
CA GLN A 45 -12.74 11.70 12.79
C GLN A 45 -13.20 10.37 12.22
N VAL A 46 -12.32 9.75 11.45
CA VAL A 46 -12.60 8.48 10.78
C VAL A 46 -12.75 7.27 11.72
N MET A 47 -11.82 7.13 12.66
CA MET A 47 -11.81 6.02 13.60
C MET A 47 -12.58 6.22 14.90
N HIS A 48 -12.56 7.43 15.43
CA HIS A 48 -13.20 7.69 16.71
C HIS A 48 -14.44 8.59 16.74
N GLY A 49 -14.94 8.95 15.56
CA GLY A 49 -16.13 9.79 15.49
C GLY A 49 -16.03 11.24 15.92
N LEU A 50 -14.83 11.81 15.92
CA LEU A 50 -14.63 13.21 16.29
C LEU A 50 -15.42 14.07 15.31
N GLN A 51 -16.19 15.02 15.84
CA GLN A 51 -16.98 15.96 15.04
C GLN A 51 -16.24 17.29 15.03
N ILE A 52 -15.69 17.66 13.88
CA ILE A 52 -14.93 18.91 13.76
C ILE A 52 -14.98 19.47 12.34
N SER A 53 -15.21 20.77 12.24
CA SER A 53 -15.28 21.44 10.94
C SER A 53 -13.88 21.56 10.34
N ASP A 54 -13.82 21.77 9.02
CA ASP A 54 -12.54 21.91 8.33
C ASP A 54 -11.78 23.12 8.86
N ASP A 55 -12.51 24.16 9.24
CA ASP A 55 -11.91 25.36 9.77
C ASP A 55 -11.28 25.18 11.14
N ASP A 56 -11.98 24.55 12.05
CA ASP A 56 -11.44 24.32 13.39
C ASP A 56 -10.29 23.33 13.31
N ARG A 57 -10.37 22.43 12.32
CA ARG A 57 -9.32 21.46 12.10
C ARG A 57 -8.05 22.20 11.67
N ARG A 58 -8.21 23.15 10.74
CA ARG A 58 -7.07 23.96 10.27
C ARG A 58 -6.49 24.77 11.41
N THR A 59 -7.35 25.20 12.33
CA THR A 59 -6.92 25.99 13.47
C THR A 59 -6.08 25.16 14.41
N LEU A 60 -6.50 23.92 14.66
CA LEU A 60 -5.76 23.03 15.54
C LEU A 60 -4.45 22.55 14.94
N VAL A 61 -4.46 22.23 13.65
CA VAL A 61 -3.26 21.80 12.95
C VAL A 61 -2.17 22.88 13.07
N LYS A 62 -2.55 24.13 12.79
CA LYS A 62 -1.64 25.27 12.88
C LYS A 62 -1.05 25.41 14.28
N TYR A 63 -1.92 25.35 15.28
CA TYR A 63 -1.53 25.47 16.68
C TYR A 63 -0.58 24.36 17.11
N LEU A 64 -0.93 23.14 16.75
CA LEU A 64 -0.11 21.99 17.11
C LEU A 64 1.20 21.90 16.32
N ALA A 65 1.18 22.37 15.08
CA ALA A 65 2.35 22.36 14.21
C ALA A 65 3.41 23.33 14.69
N ASP A 66 2.97 24.46 15.25
CA ASP A 66 3.88 25.47 15.78
C ASP A 66 4.42 25.07 17.15
N LYS A 67 3.53 24.64 18.04
CA LYS A 67 3.89 24.23 19.39
C LYS A 67 4.73 22.96 19.43
N GLN A 68 4.29 21.95 18.69
CA GLN A 68 4.97 20.65 18.65
C GLN A 68 5.34 20.18 17.26
N GLY A 69 6.29 20.89 16.64
CA GLY A 69 6.74 20.54 15.31
C GLY A 69 8.14 19.97 15.33
N LEU A 70 8.75 19.89 14.15
CA LEU A 70 10.11 19.36 14.05
C LEU A 70 11.09 20.48 13.68
N ALA A 71 12.31 20.38 14.19
CA ALA A 71 13.34 21.35 13.85
C ALA A 71 13.69 21.05 12.39
N PRO A 72 14.25 22.03 11.67
CA PRO A 72 14.61 21.78 10.28
C PRO A 72 15.51 20.57 10.10
N SER A 73 16.52 20.44 10.94
CA SER A 73 17.45 19.32 10.86
C SER A 73 16.83 17.96 11.19
N GLU A 74 15.65 17.97 11.82
CA GLU A 74 14.97 16.72 12.17
C GLU A 74 14.16 16.20 10.98
N THR A 75 14.04 17.01 9.93
CA THR A 75 13.33 16.60 8.73
C THR A 75 14.34 16.24 7.61
N ASP A 76 15.62 16.49 7.87
CA ASP A 76 16.68 16.21 6.91
C ASP A 76 16.66 14.81 6.33
N GLY A 77 16.57 14.73 5.00
CA GLY A 77 16.55 13.46 4.32
C GLY A 77 15.22 12.74 4.14
N VAL A 78 14.16 13.25 4.76
CA VAL A 78 12.85 12.63 4.65
C VAL A 78 11.78 13.62 4.21
N ARG A 79 12.21 14.73 3.61
CA ARG A 79 11.30 15.75 3.15
C ARG A 79 10.52 15.33 1.91
N TYR A 80 11.01 14.31 1.20
CA TYR A 80 10.34 13.82 0.01
C TYR A 80 8.90 13.39 0.25
N ALA A 81 8.63 12.93 1.48
CA ALA A 81 7.28 12.49 1.86
C ALA A 81 6.27 13.64 1.86
N MET A 82 6.65 14.77 2.46
CA MET A 82 5.79 15.96 2.50
C MET A 82 5.69 16.54 1.09
N GLU A 83 6.75 16.39 0.31
CA GLU A 83 6.83 16.88 -1.05
C GLU A 83 6.15 15.95 -2.04
N ARG A 84 5.53 14.89 -1.52
CA ARG A 84 4.78 13.94 -2.32
C ARG A 84 5.56 13.28 -3.44
N ARG A 85 6.81 12.93 -3.16
CA ARG A 85 7.66 12.24 -4.12
C ARG A 85 7.49 10.74 -3.88
N LEU A 86 6.37 10.21 -4.38
CA LEU A 86 6.03 8.79 -4.20
C LEU A 86 6.84 7.73 -4.95
N ASN A 87 7.74 8.16 -5.83
CA ASN A 87 8.60 7.22 -6.55
C ASN A 87 9.93 7.05 -5.85
N THR A 88 10.09 7.73 -4.72
CA THR A 88 11.32 7.66 -3.94
C THR A 88 11.54 6.25 -3.42
N VAL A 89 12.74 5.73 -3.64
CA VAL A 89 13.11 4.41 -3.17
C VAL A 89 13.75 4.72 -1.83
N GLU A 90 13.07 4.31 -0.77
CA GLU A 90 13.54 4.56 0.58
C GLU A 90 14.76 3.75 0.98
N GLN A 91 15.58 4.37 1.82
CA GLN A 91 16.79 3.73 2.31
C GLN A 91 16.90 3.84 3.85
N PHE A 92 16.27 2.88 4.53
CA PHE A 92 16.28 2.78 5.99
C PHE A 92 16.85 1.40 6.30
N ASP A 93 17.20 1.17 7.57
CA ASP A 93 17.72 -0.13 8.02
C ASP A 93 16.61 -1.19 7.87
N THR A 94 16.97 -2.47 7.83
CA THR A 94 15.97 -3.52 7.63
C THR A 94 14.92 -3.65 8.71
N GLN A 95 15.31 -3.57 9.97
CA GLN A 95 14.37 -3.69 11.06
C GLN A 95 13.24 -2.68 10.95
N LEU A 96 13.57 -1.43 10.63
CA LEU A 96 12.58 -0.38 10.47
C LEU A 96 11.72 -0.64 9.23
N SER A 97 12.36 -0.99 8.12
CA SER A 97 11.66 -1.26 6.86
C SER A 97 10.66 -2.41 6.93
N GLU A 98 11.09 -3.53 7.50
CA GLU A 98 10.24 -4.70 7.61
C GLU A 98 9.13 -4.52 8.64
N THR A 99 9.50 -3.96 9.78
CA THR A 99 8.55 -3.76 10.85
C THR A 99 7.61 -2.58 10.62
N CYS A 100 8.18 -1.43 10.24
CA CYS A 100 7.42 -0.20 10.06
C CYS A 100 7.25 0.44 8.70
N GLY A 101 7.95 -0.07 7.69
CA GLY A 101 7.84 0.54 6.38
C GLY A 101 7.36 -0.35 5.27
N ARG A 102 6.65 -1.43 5.61
CA ARG A 102 6.15 -2.36 4.59
C ARG A 102 4.73 -2.05 4.16
N CYS A 103 4.06 -1.17 4.89
CA CYS A 103 2.68 -0.77 4.59
C CYS A 103 2.75 0.63 4.01
N HIS A 104 3.13 1.58 4.85
CA HIS A 104 3.31 2.96 4.46
C HIS A 104 4.82 3.19 4.43
N SER A 105 5.24 4.41 4.15
CA SER A 105 6.67 4.74 4.08
C SER A 105 7.36 4.75 5.45
N GLY A 106 8.67 4.53 5.43
CA GLY A 106 9.44 4.59 6.65
C GLY A 106 9.61 6.05 7.02
N ALA A 107 9.43 6.93 6.05
CA ALA A 107 9.53 8.38 6.23
C ALA A 107 8.42 8.92 7.13
N ARG A 108 7.25 8.28 7.10
CA ARG A 108 6.12 8.69 7.94
C ARG A 108 6.50 8.53 9.42
N VAL A 109 7.35 7.55 9.70
CA VAL A 109 7.84 7.28 11.04
C VAL A 109 8.92 8.30 11.41
N ALA A 110 9.87 8.52 10.50
CA ALA A 110 10.98 9.45 10.71
C ALA A 110 10.58 10.92 10.85
N LEU A 111 9.36 11.24 10.44
CA LEU A 111 8.88 12.61 10.54
C LEU A 111 8.10 12.84 11.84
N GLN A 112 8.41 12.05 12.86
CA GLN A 112 7.80 12.18 14.17
C GLN A 112 8.84 11.98 15.26
N ARG A 113 8.59 12.58 16.41
CA ARG A 113 9.47 12.49 17.56
C ARG A 113 8.61 12.16 18.78
N ARG A 114 8.87 11.01 19.41
CA ARG A 114 8.08 10.59 20.56
C ARG A 114 8.94 9.87 21.60
N PRO A 115 8.51 9.93 22.88
CA PRO A 115 9.27 9.24 23.93
C PRO A 115 8.85 7.77 23.79
N ALA A 116 9.61 6.86 24.40
CA ALA A 116 9.33 5.43 24.30
C ALA A 116 7.88 5.00 24.58
N LYS A 117 7.23 5.61 25.57
CA LYS A 117 5.85 5.25 25.89
C LYS A 117 4.88 5.60 24.77
N GLU A 118 5.14 6.69 24.05
CA GLU A 118 4.31 7.08 22.94
C GLU A 118 4.54 6.16 21.74
N TRP A 119 5.77 5.63 21.61
CA TRP A 119 6.09 4.70 20.53
C TRP A 119 5.46 3.36 20.85
N GLU A 120 5.34 3.06 22.14
CA GLU A 120 4.75 1.82 22.60
C GLU A 120 3.23 1.83 22.36
N HIS A 121 2.58 2.95 22.69
CA HIS A 121 1.13 3.10 22.49
C HIS A 121 0.82 2.94 21.01
N LEU A 122 1.72 3.46 20.17
CA LEU A 122 1.54 3.35 18.73
C LEU A 122 1.55 1.90 18.26
N VAL A 123 2.49 1.10 18.77
CA VAL A 123 2.57 -0.31 18.40
C VAL A 123 1.29 -1.08 18.78
N ASN A 124 0.76 -0.79 19.97
CA ASN A 124 -0.48 -1.44 20.42
C ASN A 124 -1.66 -1.02 19.56
N PHE A 125 -1.67 0.24 19.14
CA PHE A 125 -2.73 0.75 18.28
C PHE A 125 -2.75 0.01 16.94
N HIS A 126 -1.59 -0.19 16.34
CA HIS A 126 -1.49 -0.87 15.07
C HIS A 126 -2.07 -2.27 15.11
N LEU A 127 -1.56 -3.09 16.03
CA LEU A 127 -2.02 -4.46 16.17
C LEU A 127 -3.47 -4.52 16.63
N GLY A 128 -3.92 -3.48 17.31
CA GLY A 128 -5.29 -3.43 17.79
C GLY A 128 -6.32 -3.00 16.75
N GLN A 129 -5.92 -2.06 15.88
CA GLN A 129 -6.78 -1.54 14.82
C GLN A 129 -6.80 -2.47 13.61
N TRP A 130 -5.67 -3.15 13.38
CA TRP A 130 -5.55 -4.07 12.27
C TRP A 130 -5.00 -5.39 12.79
N PRO A 131 -5.87 -6.24 13.38
CA PRO A 131 -5.49 -7.53 13.94
C PRO A 131 -4.74 -8.47 12.98
N SER A 132 -4.96 -8.30 11.68
CA SER A 132 -4.30 -9.14 10.68
C SER A 132 -2.82 -8.82 10.50
N LEU A 133 -2.39 -7.67 11.03
CA LEU A 133 -1.00 -7.22 10.94
C LEU A 133 0.06 -8.30 11.17
N GLU A 134 -0.07 -9.03 12.28
CA GLU A 134 0.89 -10.08 12.66
C GLU A 134 0.79 -11.40 11.89
N TYR A 135 -0.13 -11.46 10.94
CA TYR A 135 -0.31 -12.66 10.13
C TYR A 135 0.12 -12.38 8.68
N GLN A 136 0.57 -11.15 8.44
CA GLN A 136 1.02 -10.71 7.13
C GLN A 136 2.49 -10.98 6.89
N ALA A 137 2.92 -10.83 5.64
CA ALA A 137 4.33 -11.05 5.27
C ALA A 137 5.22 -10.19 6.13
N GLN A 138 6.37 -10.74 6.52
CA GLN A 138 7.36 -10.07 7.36
C GLN A 138 6.82 -9.84 8.79
N ALA A 139 5.77 -10.58 9.13
CA ALA A 139 5.17 -10.51 10.46
C ALA A 139 4.89 -11.93 10.97
N ARG A 140 4.30 -12.77 10.13
CA ARG A 140 3.97 -14.17 10.47
C ARG A 140 5.20 -15.06 10.64
N ASP A 141 6.35 -14.58 10.18
CA ASP A 141 7.60 -15.32 10.26
C ASP A 141 8.36 -15.07 11.55
N ARG A 142 7.79 -14.25 12.43
CA ARG A 142 8.44 -13.89 13.70
C ARG A 142 7.41 -13.60 14.80
N ASP A 143 7.91 -13.37 16.02
CA ASP A 143 7.07 -13.00 17.14
C ASP A 143 7.00 -11.49 16.99
N TRP A 144 6.10 -11.03 16.13
CA TRP A 144 5.97 -9.61 15.82
C TRP A 144 5.81 -8.67 17.00
N LEU A 145 4.86 -8.95 17.88
CA LEU A 145 4.61 -8.07 19.03
C LEU A 145 5.82 -7.96 19.99
N PRO A 146 6.37 -9.09 20.48
CA PRO A 146 7.52 -9.03 21.38
C PRO A 146 8.73 -8.29 20.76
N ILE A 147 9.00 -8.56 19.49
CA ILE A 147 10.09 -7.92 18.77
C ILE A 147 9.82 -6.41 18.67
N ALA A 148 8.59 -6.06 18.33
CA ALA A 148 8.20 -4.65 18.17
C ALA A 148 8.32 -3.84 19.46
N LEU A 149 7.88 -4.43 20.57
CA LEU A 149 7.91 -3.77 21.87
C LEU A 149 9.28 -3.77 22.55
N GLN A 150 10.02 -4.87 22.40
CA GLN A 150 11.33 -5.00 23.03
C GLN A 150 12.52 -4.51 22.22
N GLN A 151 12.44 -4.56 20.91
CA GLN A 151 13.54 -4.09 20.07
C GLN A 151 13.28 -2.80 19.34
N VAL A 152 12.13 -2.74 18.68
CA VAL A 152 11.77 -1.58 17.89
C VAL A 152 11.45 -0.32 18.68
N VAL A 153 10.63 -0.44 19.73
CA VAL A 153 10.28 0.74 20.55
C VAL A 153 11.50 1.50 21.10
N PRO A 154 12.46 0.79 21.72
CA PRO A 154 13.68 1.42 22.28
C PRO A 154 14.56 2.07 21.20
N ASP A 155 14.55 1.50 19.99
CA ASP A 155 15.31 2.02 18.88
C ASP A 155 14.63 3.29 18.37
N LEU A 156 13.32 3.23 18.19
CA LEU A 156 12.54 4.38 17.72
C LEU A 156 12.68 5.53 18.70
N ALA A 157 12.68 5.21 19.99
CA ALA A 157 12.82 6.21 21.05
C ALA A 157 14.22 6.81 21.05
N LYS A 158 15.20 6.01 20.66
CA LYS A 158 16.57 6.46 20.61
C LYS A 158 16.85 7.34 19.39
N ARG A 159 16.34 6.91 18.23
CA ARG A 159 16.53 7.62 16.97
C ARG A 159 15.65 8.87 16.82
N TYR A 160 14.42 8.76 17.30
CA TYR A 160 13.45 9.86 17.20
C TYR A 160 12.82 10.21 18.54
N PRO A 161 13.60 10.81 19.46
CA PRO A 161 13.12 11.19 20.79
C PRO A 161 12.36 12.50 20.82
N LEU A 162 11.49 12.64 21.81
CA LEU A 162 10.67 13.84 22.00
C LEU A 162 11.57 15.08 22.19
N GLU A 163 12.54 14.98 23.09
CA GLU A 163 13.43 16.12 23.30
C GLU A 163 14.75 15.93 22.59
N SER A 164 15.22 17.01 21.99
CA SER A 164 16.48 17.00 21.27
C SER A 164 17.07 18.41 21.35
N ALA A 165 18.38 18.52 21.20
CA ALA A 165 19.04 19.81 21.24
C ALA A 165 18.49 20.68 20.11
N ALA A 166 18.32 20.06 18.94
CA ALA A 166 17.79 20.72 17.74
C ALA A 166 16.46 21.40 17.96
N TRP A 167 15.54 20.69 18.60
CA TRP A 167 14.22 21.22 18.88
C TRP A 167 14.32 22.35 19.90
N ALA A 168 15.22 22.18 20.87
CA ALA A 168 15.43 23.17 21.92
C ALA A 168 15.85 24.51 21.33
N GLU A 169 16.93 24.48 20.55
CA GLU A 169 17.46 25.69 19.91
C GLU A 169 16.51 26.27 18.89
N TRP A 170 15.75 25.42 18.22
CA TRP A 170 14.81 25.90 17.21
C TRP A 170 13.70 26.76 17.82
N GLN A 171 13.21 26.37 18.99
CA GLN A 171 12.16 27.13 19.65
C GLN A 171 12.62 28.55 20.00
N LYS A 172 13.92 28.72 20.16
CA LYS A 172 14.50 30.02 20.49
C LYS A 172 14.99 30.81 19.29
N ALA A 173 15.52 30.10 18.30
CA ALA A 173 16.06 30.73 17.10
C ALA A 173 15.04 30.88 15.99
N ARG A 174 13.82 30.38 16.20
CA ARG A 174 12.75 30.42 15.19
C ARG A 174 12.31 31.83 14.79
N PRO A 175 12.43 32.16 13.49
CA PRO A 175 12.04 33.48 12.95
C PRO A 175 10.54 33.67 12.87
N LYS A 176 10.11 34.92 12.67
CA LYS A 176 8.69 35.22 12.54
C LYS A 176 8.36 35.30 11.04
N ALA A 177 7.08 35.30 10.71
CA ALA A 177 6.62 35.35 9.32
C ALA A 177 6.97 36.64 8.61
N ASP A 178 7.25 37.71 9.35
CA ASP A 178 7.58 38.98 8.73
C ASP A 178 8.95 39.02 8.04
N ALA A 179 9.71 37.91 8.13
CA ALA A 179 11.02 37.81 7.49
C ALA A 179 10.90 37.27 6.05
N LEU A 180 9.68 36.89 5.65
CA LEU A 180 9.43 36.33 4.32
C LEU A 180 8.91 37.25 3.22
N PRO A 181 8.14 38.29 3.57
CA PRO A 181 7.64 39.20 2.52
C PRO A 181 8.76 39.81 1.68
N GLY A 182 8.47 40.02 0.41
CA GLY A 182 9.46 40.60 -0.49
C GLY A 182 9.45 39.86 -1.82
N GLN A 183 10.40 40.19 -2.69
CA GLN A 183 10.48 39.54 -3.98
C GLN A 183 11.42 38.35 -3.90
N TRP A 184 11.02 37.27 -4.56
CA TRP A 184 11.80 36.05 -4.54
C TRP A 184 12.06 35.56 -5.95
N ALA A 185 13.32 35.53 -6.36
CA ALA A 185 13.64 35.02 -7.68
C ALA A 185 13.62 33.50 -7.58
N PHE A 186 13.02 32.84 -8.56
CA PHE A 186 12.96 31.39 -8.51
C PHE A 186 13.39 30.67 -9.79
N SER A 187 13.88 29.46 -9.59
CA SER A 187 14.35 28.60 -10.65
C SER A 187 13.72 27.25 -10.31
N GLY A 188 13.46 26.45 -11.35
CA GLY A 188 12.87 25.14 -11.12
C GLY A 188 12.93 24.28 -12.37
N HIS A 189 12.35 23.09 -12.29
CA HIS A 189 12.33 22.17 -13.41
C HIS A 189 11.23 21.15 -13.25
N MET A 190 10.41 21.01 -14.29
CA MET A 190 9.35 20.03 -14.27
C MET A 190 9.76 18.87 -15.18
N LEU A 191 9.82 17.67 -14.62
CA LEU A 191 10.19 16.47 -15.38
C LEU A 191 9.29 16.34 -16.62
N ALA A 192 9.90 16.04 -17.76
CA ALA A 192 9.21 15.89 -19.04
C ALA A 192 8.55 17.16 -19.57
N LYS A 193 8.95 18.32 -19.03
CA LYS A 193 8.41 19.60 -19.45
C LYS A 193 9.55 20.62 -19.64
N GLY A 194 10.44 20.69 -18.66
CA GLY A 194 11.57 21.59 -18.76
C GLY A 194 11.75 22.59 -17.65
N ASP A 195 12.72 23.49 -17.84
CA ASP A 195 13.06 24.53 -16.89
C ASP A 195 11.97 25.57 -16.74
N VAL A 196 12.02 26.27 -15.61
CA VAL A 196 11.05 27.31 -15.31
C VAL A 196 11.82 28.34 -14.47
N ARG A 197 11.45 29.60 -14.58
CA ARG A 197 12.11 30.65 -13.83
C ARG A 197 11.19 31.85 -13.75
N GLY A 198 11.46 32.74 -12.80
CA GLY A 198 10.64 33.92 -12.64
C GLY A 198 10.74 34.53 -11.26
N VAL A 199 9.72 35.30 -10.88
CA VAL A 199 9.71 35.95 -9.57
C VAL A 199 8.41 35.70 -8.81
N MET A 200 8.55 35.44 -7.53
CA MET A 200 7.43 35.20 -6.65
C MET A 200 7.32 36.35 -5.66
N SER A 201 6.21 37.05 -5.73
CA SER A 201 5.95 38.17 -4.86
C SER A 201 5.17 37.67 -3.64
N VAL A 202 5.79 37.80 -2.48
CA VAL A 202 5.18 37.39 -1.21
C VAL A 202 4.85 38.64 -0.41
N THR A 203 3.56 38.89 -0.21
CA THR A 203 3.08 40.03 0.57
C THR A 203 2.34 39.47 1.78
N PRO A 204 2.38 40.19 2.91
CA PRO A 204 1.69 39.70 4.11
C PRO A 204 0.16 39.72 4.11
N ASP A 205 -0.39 38.97 5.05
CA ASP A 205 -1.84 38.87 5.22
C ASP A 205 -2.05 38.59 6.71
N GLN A 206 -3.25 38.17 7.07
CA GLN A 206 -3.59 37.84 8.46
C GLN A 206 -2.61 36.84 9.10
N GLY A 207 -2.01 37.23 10.21
CA GLY A 207 -1.09 36.36 10.93
C GLY A 207 0.10 35.79 10.19
N ASP A 208 0.15 34.45 10.08
CA ASP A 208 1.25 33.76 9.39
C ASP A 208 0.88 33.32 7.99
N THR A 209 -0.13 33.98 7.42
CA THR A 209 -0.57 33.67 6.07
C THR A 209 -0.11 34.80 5.14
N PHE A 210 -0.08 34.55 3.84
CA PHE A 210 0.35 35.55 2.89
C PHE A 210 -0.40 35.43 1.58
N LYS A 211 -0.20 36.43 0.73
CA LYS A 211 -0.76 36.47 -0.63
C LYS A 211 0.48 36.15 -1.46
N VAL A 212 0.29 35.42 -2.54
CA VAL A 212 1.43 35.03 -3.37
C VAL A 212 1.16 35.33 -4.83
N GLU A 213 2.21 35.75 -5.52
CA GLU A 213 2.11 36.09 -6.94
C GLU A 213 3.31 35.49 -7.66
N VAL A 214 3.06 34.57 -8.58
CA VAL A 214 4.14 33.96 -9.35
C VAL A 214 4.13 34.54 -10.75
N LYS A 215 5.26 35.12 -11.14
CA LYS A 215 5.40 35.69 -12.48
C LYS A 215 6.60 35.01 -13.13
N GLY A 216 6.37 34.33 -14.24
CA GLY A 216 7.48 33.65 -14.88
C GLY A 216 7.08 32.83 -16.08
N ALA A 217 7.98 31.97 -16.55
CA ALA A 217 7.71 31.15 -17.71
C ALA A 217 8.66 29.97 -17.76
N TYR A 218 8.33 29.00 -18.61
CA TYR A 218 9.15 27.81 -18.81
C TYR A 218 10.19 28.15 -19.86
N ALA A 219 11.18 27.26 -20.02
CA ALA A 219 12.23 27.46 -21.00
C ALA A 219 11.67 27.51 -22.41
N ASP A 220 10.59 26.76 -22.65
CA ASP A 220 9.97 26.71 -23.98
C ASP A 220 9.09 27.93 -24.30
N GLY A 221 8.73 28.70 -23.28
CA GLY A 221 7.91 29.88 -23.51
C GLY A 221 6.51 29.83 -22.92
N THR A 222 6.07 28.65 -22.46
CA THR A 222 4.75 28.54 -21.85
C THR A 222 4.82 29.34 -20.54
N PRO A 223 3.83 30.21 -20.31
CA PRO A 223 3.75 31.06 -19.11
C PRO A 223 3.62 30.32 -17.79
N PHE A 224 4.11 30.96 -16.73
CA PHE A 224 4.01 30.40 -15.39
C PHE A 224 3.62 31.56 -14.48
N ASN A 225 2.41 32.05 -14.69
CA ASN A 225 1.87 33.16 -13.91
C ASN A 225 0.69 32.70 -13.08
N GLY A 226 0.68 33.07 -11.81
CA GLY A 226 -0.40 32.67 -10.94
C GLY A 226 -0.51 33.47 -9.68
N SER A 227 -1.61 33.21 -8.97
CA SER A 227 -1.93 33.88 -7.74
C SER A 227 -2.48 32.87 -6.73
N GLY A 228 -2.17 33.09 -5.46
CA GLY A 228 -2.65 32.19 -4.43
C GLY A 228 -2.32 32.71 -3.06
N SER A 229 -2.27 31.80 -2.10
CA SER A 229 -1.95 32.18 -0.74
C SER A 229 -1.07 31.12 -0.11
N ALA A 230 -0.54 31.43 1.06
CA ALA A 230 0.31 30.48 1.75
C ALA A 230 0.34 30.74 3.25
N ILE A 231 0.64 29.67 3.99
CA ILE A 231 0.73 29.71 5.44
C ILE A 231 2.10 29.18 5.79
N LEU A 232 2.63 29.68 6.90
CA LEU A 232 3.95 29.28 7.37
C LEU A 232 3.81 28.64 8.76
N TYR A 233 4.17 27.35 8.84
CA TYR A 233 4.13 26.58 10.06
C TYR A 233 5.52 26.48 10.66
N ASN A 234 5.60 26.49 11.97
CA ASN A 234 6.85 26.35 12.71
C ASN A 234 8.01 27.26 12.27
N GLY A 235 7.67 28.42 11.68
CA GLY A 235 8.68 29.36 11.25
C GLY A 235 9.45 29.05 9.98
N TYR A 236 9.22 27.89 9.37
CA TYR A 236 9.94 27.53 8.15
C TYR A 236 9.13 26.66 7.19
N GLU A 237 8.17 25.91 7.70
CA GLU A 237 7.34 25.04 6.86
C GLU A 237 6.30 25.79 6.04
N TRP A 238 6.69 26.11 4.81
CA TRP A 238 5.86 26.84 3.88
C TRP A 238 4.89 25.95 3.10
N ARG A 239 3.61 26.23 3.25
CA ARG A 239 2.56 25.50 2.55
C ARG A 239 1.71 26.51 1.82
N GLY A 240 1.68 26.43 0.50
CA GLY A 240 0.88 27.37 -0.25
C GLY A 240 0.12 26.75 -1.40
N ASN A 241 -0.83 27.49 -1.92
CA ASN A 241 -1.59 27.04 -3.07
C ASN A 241 -1.68 28.16 -4.08
N VAL A 242 -1.08 27.95 -5.24
CA VAL A 242 -1.08 28.94 -6.29
C VAL A 242 -1.77 28.41 -7.55
N LYS A 243 -2.85 29.10 -7.93
CA LYS A 243 -3.62 28.76 -9.11
C LYS A 243 -2.86 29.32 -10.30
N VAL A 244 -2.11 28.44 -10.96
CA VAL A 244 -1.32 28.81 -12.13
C VAL A 244 -2.01 28.29 -13.38
N GLY A 245 -2.66 29.20 -14.10
CA GLY A 245 -3.38 28.83 -15.30
C GLY A 245 -4.73 28.19 -14.98
N ASP A 246 -4.84 26.89 -15.23
CA ASP A 246 -6.07 26.14 -14.98
C ASP A 246 -5.85 25.08 -13.90
N ALA A 247 -4.67 25.10 -13.29
CA ALA A 247 -4.37 24.11 -12.26
C ALA A 247 -3.98 24.74 -10.93
N ASN A 248 -4.40 24.09 -9.85
CA ASN A 248 -4.03 24.55 -8.52
C ASN A 248 -2.78 23.79 -8.16
N LEU A 249 -1.71 24.54 -7.90
CA LEU A 249 -0.45 23.93 -7.54
C LEU A 249 -0.14 24.18 -6.08
N ARG A 250 0.13 23.09 -5.37
CA ARG A 250 0.50 23.14 -3.96
C ARG A 250 2.00 23.36 -3.88
N GLN A 251 2.44 24.13 -2.89
CA GLN A 251 3.85 24.42 -2.66
C GLN A 251 4.24 23.87 -1.30
N VAL A 252 5.25 23.02 -1.26
CA VAL A 252 5.74 22.46 -0.01
C VAL A 252 7.21 22.84 0.01
N PHE A 253 7.53 23.98 0.63
CA PHE A 253 8.90 24.46 0.71
C PHE A 253 9.36 24.61 2.15
N ALA A 254 10.68 24.63 2.32
CA ALA A 254 11.29 24.86 3.61
C ALA A 254 11.92 26.22 3.35
N ALA A 255 11.45 27.22 4.08
CA ALA A 255 11.93 28.60 3.99
C ALA A 255 12.93 28.85 5.10
N LEU A 256 14.20 28.92 4.73
CA LEU A 256 15.29 29.14 5.69
C LEU A 256 16.36 30.10 5.18
N ASP A 257 16.74 31.08 6.01
CA ASP A 257 17.80 32.04 5.67
C ASP A 257 17.61 32.72 4.30
N GLY A 258 16.41 33.25 4.05
CA GLY A 258 16.10 33.91 2.79
C GLY A 258 16.16 33.03 1.55
N GLU A 259 15.90 31.74 1.74
CA GLU A 259 15.94 30.77 0.66
C GLU A 259 14.82 29.75 0.86
N MET A 260 14.11 29.43 -0.22
CA MET A 260 13.03 28.47 -0.19
C MET A 260 13.34 27.28 -1.09
N LYS A 261 13.39 26.10 -0.50
CA LYS A 261 13.70 24.89 -1.25
C LYS A 261 12.54 23.92 -1.09
N GLY A 262 12.11 23.32 -2.20
CA GLY A 262 11.00 22.39 -2.11
C GLY A 262 10.45 21.92 -3.42
N ARG A 263 9.15 21.65 -3.44
CA ARG A 263 8.49 21.16 -4.62
C ARG A 263 7.11 21.79 -4.82
N MET A 264 6.77 22.00 -6.07
CA MET A 264 5.48 22.59 -6.42
C MET A 264 4.81 21.61 -7.34
N PHE A 265 3.70 21.02 -6.89
CA PHE A 265 2.98 20.03 -7.67
C PHE A 265 1.49 20.31 -7.79
N GLU A 266 0.82 19.65 -8.73
CA GLU A 266 -0.62 19.82 -8.90
C GLU A 266 -1.33 19.20 -7.71
N ALA A 267 -2.25 19.96 -7.14
CA ALA A 267 -3.02 19.53 -5.97
C ALA A 267 -3.61 18.14 -6.12
N GLU A 268 -4.04 17.83 -7.33
CA GLU A 268 -4.69 16.57 -7.64
C GLU A 268 -3.75 15.48 -8.21
N HIS A 269 -2.58 15.88 -8.65
CA HIS A 269 -1.64 14.95 -9.26
C HIS A 269 -0.26 15.23 -8.77
N ASP A 270 0.20 14.46 -7.80
CA ASP A 270 1.53 14.72 -7.28
C ASP A 270 2.73 14.21 -8.07
N GLU A 271 2.49 13.54 -9.21
CA GLU A 271 3.61 13.09 -10.07
C GLU A 271 3.94 14.23 -11.03
N ARG A 272 3.01 15.16 -11.15
CA ARG A 272 3.15 16.30 -12.03
C ARG A 272 3.58 17.50 -11.20
N GLY A 273 4.89 17.64 -11.02
CA GLY A 273 5.40 18.74 -10.24
C GLY A 273 6.77 19.19 -10.68
N LEU A 274 7.29 20.20 -10.01
CA LEU A 274 8.60 20.73 -10.34
C LEU A 274 9.44 20.97 -9.12
N ASP A 275 10.75 20.79 -9.26
CA ASP A 275 11.67 21.07 -8.16
C ASP A 275 11.67 22.57 -8.06
N PHE A 276 11.79 23.09 -6.86
CA PHE A 276 11.71 24.52 -6.68
C PHE A 276 12.74 25.08 -5.73
N THR A 277 13.42 26.12 -6.19
CA THR A 277 14.42 26.78 -5.38
C THR A 277 14.24 28.27 -5.61
N ALA A 278 14.20 29.03 -4.53
CA ALA A 278 14.01 30.47 -4.61
C ALA A 278 14.94 31.20 -3.66
N VAL A 279 15.31 32.42 -4.03
CA VAL A 279 16.19 33.24 -3.20
C VAL A 279 15.52 34.60 -3.03
N LYS A 280 15.51 35.08 -1.79
CA LYS A 280 14.89 36.37 -1.50
C LYS A 280 15.79 37.54 -1.91
N GLU A 281 15.16 38.58 -2.43
CA GLU A 281 15.89 39.78 -2.83
C GLU A 281 16.59 40.36 -1.61
N GLY A 282 17.71 41.01 -1.84
CA GLY A 282 18.47 41.59 -0.75
C GLY A 282 19.76 40.84 -0.53
N LYS A 283 19.95 39.74 -1.25
CA LYS A 283 21.17 38.94 -1.16
C LYS A 283 21.55 38.56 -2.59
N ALA A 284 22.80 38.79 -2.97
CA ALA A 284 23.27 38.45 -4.31
C ALA A 284 23.51 36.95 -4.42
N ARG A 285 22.74 36.31 -5.29
CA ARG A 285 22.85 34.87 -5.52
C ARG A 285 22.70 34.51 -7.00
N LEU A 286 23.42 33.49 -7.43
CA LEU A 286 23.31 33.04 -8.81
C LEU A 286 22.63 31.67 -8.70
N LEU A 287 21.32 31.65 -8.94
CA LEU A 287 20.49 30.44 -8.87
C LEU A 287 20.76 29.32 -9.86
N ALA A 288 20.57 29.61 -11.15
CA ALA A 288 20.77 28.60 -12.17
C ALA A 288 21.12 29.12 -13.56
N VAL A 289 21.61 28.21 -14.41
CA VAL A 289 21.96 28.49 -15.78
C VAL A 289 20.97 27.59 -16.52
N GLN A 290 20.23 28.16 -17.46
CA GLN A 290 19.23 27.39 -18.21
C GLN A 290 19.36 27.65 -19.70
N PRO A 291 19.82 26.66 -20.49
CA PRO A 291 20.24 25.30 -20.10
C PRO A 291 21.60 25.30 -19.41
N ALA A 292 21.91 24.19 -18.75
CA ALA A 292 23.16 24.00 -18.03
C ALA A 292 24.21 23.31 -18.90
N PHE A 293 23.99 23.33 -20.21
CA PHE A 293 24.93 22.71 -21.14
C PHE A 293 25.01 23.49 -22.45
N ILE A 294 26.11 23.27 -23.16
CA ILE A 294 26.35 23.90 -24.45
C ILE A 294 27.25 22.93 -25.20
N LYS A 295 26.85 22.56 -26.40
CA LYS A 295 27.62 21.64 -27.23
C LYS A 295 28.75 22.42 -27.88
N ALA A 296 29.93 21.81 -27.98
CA ALA A 296 31.08 22.44 -28.61
C ALA A 296 30.69 22.79 -30.03
N GLY A 297 31.12 23.97 -30.49
CA GLY A 297 30.79 24.41 -31.83
C GLY A 297 29.30 24.70 -31.93
N GLY A 298 28.72 25.19 -30.83
CA GLY A 298 27.29 25.46 -30.82
C GLY A 298 26.84 26.87 -30.49
N GLU A 299 25.68 27.22 -31.02
CA GLU A 299 25.04 28.51 -30.79
C GLU A 299 23.85 28.20 -29.88
N SER A 300 23.72 28.95 -28.78
CA SER A 300 22.63 28.68 -27.84
C SER A 300 22.24 29.87 -26.98
N GLU A 301 20.93 30.03 -26.79
CA GLU A 301 20.38 31.09 -25.95
C GLU A 301 20.42 30.55 -24.52
N ILE A 302 21.21 31.20 -23.66
CA ILE A 302 21.35 30.78 -22.28
C ILE A 302 20.86 31.88 -21.37
N THR A 303 20.08 31.52 -20.35
CA THR A 303 19.58 32.49 -19.40
C THR A 303 20.03 32.16 -17.97
N LEU A 304 20.48 33.22 -17.28
CA LEU A 304 20.96 33.10 -15.92
C LEU A 304 19.88 33.62 -14.97
N VAL A 305 19.53 32.81 -13.99
CA VAL A 305 18.51 33.18 -13.01
C VAL A 305 19.20 33.41 -11.68
N GLY A 306 18.70 34.38 -10.93
CA GLY A 306 19.29 34.67 -9.63
C GLY A 306 18.79 35.97 -9.05
N SER A 307 19.47 36.45 -8.02
CA SER A 307 19.11 37.69 -7.35
C SER A 307 20.34 38.60 -7.24
N GLY A 308 20.14 39.90 -7.45
CA GLY A 308 21.22 40.87 -7.38
C GLY A 308 22.29 40.66 -8.42
N LEU A 309 21.87 40.20 -9.61
CA LEU A 309 22.79 39.96 -10.71
C LEU A 309 23.28 41.28 -11.29
N ALA A 310 24.58 41.52 -11.17
CA ALA A 310 25.18 42.75 -11.69
C ALA A 310 26.59 42.47 -12.21
N GLY A 311 26.91 43.09 -13.33
CA GLY A 311 28.23 42.90 -13.90
C GLY A 311 28.16 42.28 -15.27
N LYS A 312 29.29 41.70 -15.69
CA LYS A 312 29.35 41.08 -17.00
C LYS A 312 29.44 39.56 -16.89
N PRO A 313 28.59 38.86 -17.64
CA PRO A 313 28.58 37.40 -17.64
C PRO A 313 29.81 36.79 -18.30
N ASP A 314 30.42 35.83 -17.62
CA ASP A 314 31.56 35.12 -18.17
C ASP A 314 31.19 33.65 -17.98
N LEU A 315 31.12 32.93 -19.10
CA LEU A 315 30.75 31.52 -19.09
C LEU A 315 31.92 30.54 -19.19
N GLY A 316 33.12 30.97 -18.82
CA GLY A 316 34.28 30.08 -18.89
C GLY A 316 34.97 29.99 -20.24
N ALA A 317 36.16 29.39 -20.25
CA ALA A 317 36.98 29.22 -21.46
C ALA A 317 36.34 28.46 -22.60
N GLY A 318 36.28 29.08 -23.78
CA GLY A 318 35.71 28.41 -24.93
C GLY A 318 34.26 28.77 -25.22
N VAL A 319 33.63 29.47 -24.28
CA VAL A 319 32.24 29.88 -24.44
C VAL A 319 32.23 31.39 -24.70
N GLU A 320 31.52 31.78 -25.76
CA GLU A 320 31.44 33.19 -26.16
C GLU A 320 30.05 33.81 -26.01
N VAL A 321 29.96 34.89 -25.23
CA VAL A 321 28.70 35.59 -25.04
C VAL A 321 28.57 36.47 -26.27
N THR A 322 27.82 36.01 -27.25
CA THR A 322 27.65 36.75 -28.48
C THR A 322 26.68 37.93 -28.44
N GLU A 323 25.89 38.03 -27.37
CA GLU A 323 24.92 39.12 -27.20
C GLU A 323 23.99 38.98 -26.00
N VAL A 324 24.00 39.97 -25.11
CA VAL A 324 23.12 39.96 -23.94
C VAL A 324 21.74 40.47 -24.37
N LEU A 325 20.83 39.54 -24.63
CA LEU A 325 19.46 39.85 -25.07
C LEU A 325 18.61 40.55 -24.02
N GLU A 326 18.97 40.41 -22.74
CA GLU A 326 18.23 41.01 -21.65
C GLU A 326 19.04 40.85 -20.37
N GLN A 327 19.10 41.91 -19.56
CA GLN A 327 19.86 41.87 -18.33
C GLN A 327 19.23 42.59 -17.15
N THR A 328 18.33 41.91 -16.45
CA THR A 328 17.69 42.47 -15.26
C THR A 328 18.43 41.90 -14.05
N PRO A 329 18.11 42.39 -12.84
CA PRO A 329 18.81 41.87 -11.65
C PRO A 329 18.41 40.45 -11.22
N THR A 330 17.43 39.86 -11.89
CA THR A 330 16.97 38.51 -11.55
C THR A 330 16.96 37.56 -12.75
N LEU A 331 17.31 38.08 -13.92
CA LEU A 331 17.31 37.28 -15.13
C LEU A 331 18.16 37.91 -16.20
N VAL A 332 19.14 37.15 -16.69
CA VAL A 332 20.02 37.62 -17.76
C VAL A 332 20.01 36.60 -18.90
N ARG A 333 19.28 36.88 -19.96
CA ARG A 333 19.26 35.97 -21.10
C ARG A 333 20.17 36.48 -22.22
N LEU A 334 21.12 35.65 -22.59
CA LEU A 334 22.10 35.98 -23.62
C LEU A 334 22.23 34.90 -24.67
N LYS A 335 22.99 35.20 -25.71
CA LYS A 335 23.25 34.26 -26.78
C LYS A 335 24.70 33.89 -26.63
N ALA A 336 25.01 32.60 -26.69
CA ALA A 336 26.39 32.16 -26.54
C ALA A 336 26.81 31.26 -27.68
N ARG A 337 28.12 31.07 -27.78
CA ARG A 337 28.66 30.24 -28.83
C ARG A 337 29.88 29.55 -28.29
N ALA A 338 29.88 28.21 -28.31
CA ALA A 338 31.02 27.44 -27.84
C ALA A 338 31.81 27.05 -29.07
N ALA A 339 33.13 27.19 -28.99
CA ALA A 339 34.00 26.86 -30.10
C ALA A 339 33.96 25.37 -30.35
N ALA A 340 34.16 24.97 -31.60
CA ALA A 340 34.20 23.56 -31.95
C ALA A 340 35.46 23.00 -31.29
N ASP A 341 36.31 23.91 -30.85
CA ASP A 341 37.56 23.59 -30.20
C ASP A 341 37.49 23.60 -28.68
N ALA A 342 36.40 24.15 -28.14
CA ALA A 342 36.21 24.24 -26.69
C ALA A 342 36.41 22.90 -26.00
N LYS A 343 37.21 22.89 -24.93
CA LYS A 343 37.47 21.66 -24.19
C LYS A 343 36.25 21.25 -23.39
N PRO A 344 35.82 19.99 -23.51
CA PRO A 344 34.65 19.51 -22.77
C PRO A 344 34.88 19.50 -21.25
N GLY A 345 33.89 19.93 -20.49
CA GLY A 345 34.01 19.96 -19.04
C GLY A 345 33.11 21.04 -18.47
N GLN A 346 33.04 21.12 -17.14
CA GLN A 346 32.22 22.12 -16.48
C GLN A 346 32.93 23.48 -16.45
N ARG A 347 32.15 24.57 -16.45
CA ARG A 347 32.69 25.93 -16.41
C ARG A 347 32.04 26.69 -15.26
N GLU A 348 32.85 27.35 -14.43
CA GLU A 348 32.27 28.11 -13.35
C GLU A 348 31.70 29.34 -14.01
N VAL A 349 30.38 29.48 -13.97
CA VAL A 349 29.71 30.63 -14.56
C VAL A 349 29.82 31.81 -13.60
N ALA A 350 29.74 33.02 -14.13
CA ALA A 350 29.83 34.21 -13.31
C ALA A 350 29.16 35.40 -13.93
N VAL A 351 28.56 36.23 -13.09
CA VAL A 351 27.94 37.47 -13.53
C VAL A 351 28.68 38.49 -12.68
N GLY A 352 29.65 39.16 -13.29
CA GLY A 352 30.47 40.09 -12.54
C GLY A 352 31.30 39.23 -11.60
N THR A 353 31.16 39.47 -10.30
CA THR A 353 31.90 38.69 -9.31
C THR A 353 31.09 37.52 -8.73
N LEU A 354 29.81 37.45 -9.12
CA LEU A 354 28.91 36.38 -8.69
C LEU A 354 29.18 35.06 -9.41
N LYS A 355 29.52 34.04 -8.63
CA LYS A 355 29.81 32.70 -9.13
C LYS A 355 28.83 31.76 -8.42
N GLY A 356 28.84 30.48 -8.79
CA GLY A 356 27.96 29.55 -8.12
C GLY A 356 27.41 28.39 -8.92
N VAL A 357 27.12 28.62 -10.19
CA VAL A 357 26.57 27.56 -11.05
C VAL A 357 27.53 27.14 -12.16
N ASN A 358 27.44 25.89 -12.58
CA ASN A 358 28.32 25.42 -13.63
C ASN A 358 27.65 25.16 -14.96
N LEU A 359 28.41 25.37 -16.03
CA LEU A 359 27.92 25.18 -17.39
C LEU A 359 28.76 24.07 -18.02
N ALA A 360 28.11 23.03 -18.52
CA ALA A 360 28.85 21.94 -19.13
C ALA A 360 29.00 22.10 -20.63
N VAL A 361 30.23 22.10 -21.07
CA VAL A 361 30.55 22.19 -22.48
C VAL A 361 30.88 20.75 -22.81
N TYR A 362 30.30 20.21 -23.86
CA TYR A 362 30.56 18.82 -24.21
C TYR A 362 30.73 18.67 -25.70
N ASP A 363 31.36 17.57 -26.11
CA ASP A 363 31.58 17.30 -27.52
C ASP A 363 30.67 16.19 -28.04
N LYS A 364 30.65 15.07 -27.31
CA LYS A 364 29.81 13.92 -27.66
C LYS A 364 29.24 13.26 -26.41
N VAL A 365 28.09 12.62 -26.58
CA VAL A 365 27.41 11.92 -25.51
C VAL A 365 27.78 10.43 -25.54
N GLU A 366 28.31 9.95 -24.42
CA GLU A 366 28.70 8.54 -24.32
C GLU A 366 27.61 7.67 -23.70
N GLU A 367 27.10 8.13 -22.57
CA GLU A 367 26.11 7.38 -21.80
C GLU A 367 24.80 8.12 -21.54
N VAL A 368 23.70 7.40 -21.62
CA VAL A 368 22.37 7.99 -21.37
C VAL A 368 21.63 7.24 -20.28
N LYS A 369 21.13 7.98 -19.29
CA LYS A 369 20.37 7.42 -18.17
C LYS A 369 18.95 7.97 -18.14
N VAL A 370 17.98 7.08 -17.97
CA VAL A 370 16.58 7.50 -17.88
C VAL A 370 16.29 7.89 -16.43
N VAL A 371 15.62 9.02 -16.27
CA VAL A 371 15.26 9.54 -14.95
C VAL A 371 13.76 9.79 -14.86
N PRO A 372 13.08 9.14 -13.88
CA PRO A 372 13.65 8.21 -12.90
C PRO A 372 13.96 6.85 -13.52
N ALA A 373 14.90 6.13 -12.93
CA ALA A 373 15.30 4.81 -13.42
C ALA A 373 14.20 3.79 -13.16
N PHE A 374 13.49 3.98 -12.06
CA PHE A 374 12.37 3.12 -11.68
C PHE A 374 11.23 3.98 -11.15
N SER A 375 10.02 3.65 -11.56
CA SER A 375 8.85 4.40 -11.13
C SER A 375 7.56 3.60 -11.28
N ILE A 376 6.50 4.12 -10.66
CA ILE A 376 5.21 3.48 -10.69
C ILE A 376 4.14 4.40 -11.29
N ALA A 377 3.50 3.91 -12.35
CA ALA A 377 2.41 4.64 -13.00
C ALA A 377 1.17 3.88 -12.54
N ARG A 378 0.03 4.54 -12.53
CA ARG A 378 -1.18 3.86 -12.07
C ARG A 378 -2.38 4.18 -12.93
N ILE A 379 -3.19 3.15 -13.17
CA ILE A 379 -4.41 3.33 -13.93
C ILE A 379 -5.34 4.14 -13.05
N GLY A 380 -6.29 4.80 -13.67
CA GLY A 380 -7.25 5.60 -12.93
C GLY A 380 -8.36 6.09 -13.84
N GLU A 381 -9.18 6.99 -13.30
CA GLU A 381 -10.31 7.57 -14.03
C GLU A 381 -11.19 6.47 -14.62
N ASN A 382 -11.78 6.73 -15.79
CA ASN A 382 -12.67 5.78 -16.45
C ASN A 382 -13.91 5.51 -15.57
N GLY A 383 -14.29 6.52 -14.80
CA GLY A 383 -15.41 6.40 -13.90
C GLY A 383 -14.97 6.27 -12.46
N ALA A 384 -13.73 5.85 -12.25
CA ALA A 384 -13.18 5.67 -10.91
C ALA A 384 -13.04 6.96 -10.11
N SER A 385 -12.89 6.80 -8.80
CA SER A 385 -12.76 7.91 -7.86
C SER A 385 -11.32 8.45 -7.75
N VAL A 386 -10.41 7.79 -8.45
CA VAL A 386 -8.99 8.16 -8.44
C VAL A 386 -8.49 8.59 -9.81
N PRO A 387 -7.48 9.48 -9.87
CA PRO A 387 -6.96 9.93 -11.16
C PRO A 387 -5.82 9.02 -11.66
N LYS A 388 -5.46 9.16 -12.94
CA LYS A 388 -4.36 8.38 -13.49
C LYS A 388 -3.07 8.99 -12.92
N VAL A 389 -2.06 8.16 -12.78
CA VAL A 389 -0.76 8.60 -12.28
C VAL A 389 0.21 8.35 -13.43
N GLN A 390 0.64 9.44 -14.05
CA GLN A 390 1.52 9.40 -15.19
C GLN A 390 2.96 9.00 -14.89
N GLY A 391 3.62 8.51 -15.94
CA GLY A 391 5.02 8.19 -15.86
C GLY A 391 5.62 9.43 -16.52
N ARG A 392 6.61 10.06 -15.91
CA ARG A 392 7.24 11.24 -16.50
C ARG A 392 8.73 11.02 -16.51
N PHE A 393 9.34 11.16 -17.68
CA PHE A 393 10.76 10.87 -17.79
C PHE A 393 11.61 11.91 -18.45
N GLU A 394 12.91 11.78 -18.21
CA GLU A 394 13.91 12.67 -18.76
C GLU A 394 15.16 11.83 -19.06
N ALA A 395 15.84 12.14 -20.17
CA ALA A 395 17.06 11.41 -20.56
C ALA A 395 18.27 12.22 -20.13
N GLU A 396 19.02 11.67 -19.19
CA GLU A 396 20.22 12.28 -18.63
C GLU A 396 21.48 11.87 -19.38
N ALA A 397 22.07 12.84 -20.07
CA ALA A 397 23.27 12.62 -20.87
C ALA A 397 24.58 12.73 -20.10
N TRP A 398 25.49 11.82 -20.40
CA TRP A 398 26.80 11.78 -19.77
C TRP A 398 27.89 11.66 -20.84
N GLY A 399 29.02 12.31 -20.59
CA GLY A 399 30.13 12.26 -21.50
C GLY A 399 31.40 12.27 -20.68
N LYS A 400 32.50 12.70 -21.29
CA LYS A 400 33.75 12.78 -20.57
C LYS A 400 34.39 14.13 -20.80
N ASP A 401 35.02 14.66 -19.77
CA ASP A 401 35.68 15.95 -19.90
C ASP A 401 37.11 15.79 -20.44
N ALA A 402 37.85 16.91 -20.49
CA ALA A 402 39.22 16.92 -20.99
C ALA A 402 40.19 16.09 -20.16
N ASN A 403 39.82 15.85 -18.91
CA ASN A 403 40.64 15.05 -18.00
C ASN A 403 40.23 13.59 -17.97
N GLY A 404 39.41 13.17 -18.93
CA GLY A 404 38.97 11.78 -18.99
C GLY A 404 37.99 11.37 -17.90
N GLN A 405 37.53 12.34 -17.13
CA GLN A 405 36.58 12.11 -16.04
C GLN A 405 35.12 12.20 -16.55
N PRO A 406 34.19 11.45 -15.91
CA PRO A 406 32.78 11.49 -16.36
C PRO A 406 32.20 12.89 -16.21
N LEU A 407 31.40 13.29 -17.19
CA LEU A 407 30.80 14.61 -17.22
C LEU A 407 29.30 14.46 -17.33
N ARG A 408 28.56 15.03 -16.37
CA ARG A 408 27.10 14.98 -16.46
C ARG A 408 26.75 16.24 -17.25
N ILE A 409 26.23 16.03 -18.45
CA ILE A 409 25.86 17.09 -19.36
C ILE A 409 24.54 17.73 -18.97
N GLY A 410 23.51 16.90 -18.77
CA GLY A 410 22.21 17.42 -18.38
C GLY A 410 21.07 16.58 -18.94
N TYR A 411 19.90 17.19 -19.10
CA TYR A 411 18.74 16.50 -19.65
C TYR A 411 18.59 16.90 -21.11
N LEU A 412 18.96 16.00 -22.02
CA LEU A 412 18.89 16.29 -23.46
C LEU A 412 17.61 15.79 -24.15
N PRO A 413 17.15 16.53 -25.17
CA PRO A 413 15.95 16.15 -25.92
C PRO A 413 16.08 14.74 -26.46
N ALA A 414 14.98 13.99 -26.38
CA ALA A 414 14.97 12.61 -26.84
C ALA A 414 13.63 12.13 -27.36
N SER A 415 13.70 10.98 -28.02
CA SER A 415 12.55 10.30 -28.59
C SER A 415 12.24 9.20 -27.57
N TRP A 416 10.95 9.02 -27.26
CA TRP A 416 10.53 8.04 -26.26
C TRP A 416 9.62 6.96 -26.79
N LYS A 417 9.88 5.73 -26.34
CA LYS A 417 9.08 4.59 -26.69
C LYS A 417 9.01 3.62 -25.51
N VAL A 418 8.09 2.67 -25.61
CA VAL A 418 7.87 1.66 -24.59
C VAL A 418 7.99 0.26 -25.18
N GLU A 419 8.65 -0.64 -24.44
CA GLU A 419 8.82 -2.02 -24.87
C GLU A 419 8.49 -2.94 -23.70
N PRO A 420 8.09 -4.20 -23.98
CA PRO A 420 7.75 -5.13 -22.91
C PRO A 420 8.99 -5.33 -22.06
N PHE A 421 8.81 -5.39 -20.75
CA PHE A 421 9.96 -5.58 -19.88
C PHE A 421 10.41 -7.03 -19.87
N ASN A 422 9.48 -7.96 -20.03
CA ASN A 422 9.81 -9.39 -20.03
C ASN A 422 8.93 -10.23 -20.94
N GLU A 423 9.24 -11.53 -21.01
CA GLU A 423 8.51 -12.48 -21.83
C GLU A 423 7.02 -12.49 -21.50
N ARG A 424 6.73 -12.24 -20.24
CA ARG A 424 5.37 -12.21 -19.74
C ARG A 424 4.61 -11.01 -20.32
N ALA A 425 5.27 -9.85 -20.33
CA ALA A 425 4.69 -8.62 -20.85
C ALA A 425 4.43 -8.73 -22.35
N VAL A 426 5.21 -9.54 -23.05
CA VAL A 426 5.03 -9.74 -24.49
C VAL A 426 3.76 -10.57 -24.67
N GLU A 427 3.68 -11.68 -23.95
CA GLU A 427 2.56 -12.62 -23.98
C GLU A 427 1.21 -11.93 -23.74
N ASP A 428 1.15 -11.12 -22.69
CA ASP A 428 -0.09 -10.43 -22.34
C ASP A 428 -0.35 -9.13 -23.10
N GLU A 429 0.59 -8.73 -23.96
CA GLU A 429 0.44 -7.50 -24.73
C GLU A 429 0.28 -6.27 -23.86
N ASP A 430 1.20 -6.09 -22.91
CA ASP A 430 1.14 -4.95 -22.01
C ASP A 430 1.33 -3.60 -22.72
N VAL A 431 2.21 -3.57 -23.72
CA VAL A 431 2.47 -2.34 -24.47
C VAL A 431 1.23 -1.81 -25.20
N LYS A 432 0.31 -2.70 -25.53
CA LYS A 432 -0.91 -2.33 -26.23
C LYS A 432 -2.02 -1.80 -25.30
N PHE A 433 -2.04 -2.30 -24.06
CA PHE A 433 -3.08 -1.92 -23.11
C PHE A 433 -2.69 -0.96 -21.97
N ALA A 434 -1.43 -1.04 -21.52
CA ALA A 434 -0.94 -0.25 -20.40
C ALA A 434 -1.12 1.27 -20.48
N GLY A 435 -1.18 1.78 -21.69
CA GLY A 435 -1.34 3.21 -21.87
C GLY A 435 -0.53 3.69 -23.06
N LYS A 436 -0.33 5.00 -23.17
CA LYS A 436 0.44 5.53 -24.28
C LYS A 436 1.59 6.44 -23.90
N MET A 437 2.75 6.11 -24.45
CA MET A 437 3.95 6.90 -24.23
C MET A 437 3.91 8.01 -25.25
N GLN A 438 3.87 9.25 -24.77
CA GLN A 438 3.85 10.38 -25.66
C GLN A 438 5.28 10.74 -26.03
N ALA A 439 5.41 11.50 -27.11
CA ALA A 439 6.71 11.92 -27.62
C ALA A 439 7.50 12.76 -26.62
N ASP A 440 6.79 13.52 -25.78
CA ASP A 440 7.44 14.38 -24.79
C ASP A 440 7.97 13.67 -23.53
N GLY A 441 7.87 12.34 -23.49
CA GLY A 441 8.35 11.58 -22.36
C GLY A 441 7.33 11.38 -21.25
N VAL A 442 6.07 11.70 -21.56
CA VAL A 442 4.99 11.55 -20.61
C VAL A 442 4.16 10.35 -20.98
N PHE A 443 4.10 9.38 -20.07
CA PHE A 443 3.32 8.18 -20.28
C PHE A 443 1.96 8.31 -19.60
N VAL A 444 0.90 8.15 -20.38
CA VAL A 444 -0.47 8.22 -19.89
C VAL A 444 -1.00 6.79 -19.78
N PRO A 445 -1.18 6.31 -18.53
CA PRO A 445 -1.69 4.94 -18.33
C PRO A 445 -3.11 4.75 -18.82
N GLY A 446 -3.53 3.49 -18.95
CA GLY A 446 -4.89 3.21 -19.41
C GLY A 446 -5.92 3.53 -18.33
N GLY A 447 -7.20 3.38 -18.69
CA GLY A 447 -8.28 3.64 -17.76
C GLY A 447 -8.41 2.52 -16.74
N ALA A 448 -9.04 2.82 -15.62
CA ALA A 448 -9.22 1.84 -14.55
C ALA A 448 -10.29 0.80 -14.87
N GLY A 449 -10.41 -0.19 -13.98
CA GLY A 449 -11.39 -1.24 -14.13
C GLY A 449 -10.95 -2.46 -14.91
N PRO A 450 -11.72 -3.56 -14.83
CA PRO A 450 -11.39 -4.78 -15.56
C PRO A 450 -11.49 -4.46 -17.06
N ASN A 451 -10.66 -5.10 -17.87
CA ASN A 451 -10.70 -4.87 -19.30
C ASN A 451 -11.07 -6.14 -20.04
N PRO A 452 -12.34 -6.26 -20.48
CA PRO A 452 -12.91 -7.41 -21.21
C PRO A 452 -12.03 -7.85 -22.38
N GLU A 453 -11.33 -6.90 -22.98
CA GLU A 453 -10.44 -7.17 -24.11
C GLU A 453 -9.16 -7.93 -23.75
N ARG A 454 -8.73 -7.83 -22.48
CA ARG A 454 -7.53 -8.51 -22.03
C ARG A 454 -7.80 -9.92 -21.49
N LYS A 455 -6.73 -10.71 -21.38
CA LYS A 455 -6.81 -12.07 -20.84
C LYS A 455 -7.25 -11.95 -19.37
N MET A 456 -8.25 -12.75 -18.98
CA MET A 456 -8.78 -12.74 -17.61
C MET A 456 -9.41 -11.39 -17.30
N MET A 457 -9.87 -10.71 -18.35
CA MET A 457 -10.46 -9.37 -18.28
C MET A 457 -9.70 -8.47 -17.31
N THR A 458 -8.39 -8.68 -17.25
CA THR A 458 -7.52 -7.94 -16.35
C THR A 458 -7.42 -6.44 -16.63
N ASN A 459 -6.83 -5.72 -15.70
CA ASN A 459 -6.66 -4.28 -15.81
C ASN A 459 -5.60 -3.91 -16.84
N ASN A 460 -5.56 -2.62 -17.16
CA ASN A 460 -4.60 -2.07 -18.11
C ASN A 460 -3.26 -1.81 -17.42
N ALA A 461 -2.80 -2.84 -16.69
CA ALA A 461 -1.53 -2.79 -15.98
C ALA A 461 -0.45 -3.29 -16.96
N GLY A 462 0.81 -2.99 -16.65
CA GLY A 462 1.89 -3.43 -17.51
C GLY A 462 3.27 -3.36 -16.88
N ASN A 463 4.19 -4.17 -17.40
CA ASN A 463 5.56 -4.18 -16.92
C ASN A 463 6.34 -3.70 -18.13
N LEU A 464 6.75 -2.43 -18.11
CA LEU A 464 7.42 -1.83 -19.24
C LEU A 464 8.86 -1.34 -19.12
N LYS A 465 9.52 -1.29 -20.27
CA LYS A 465 10.88 -0.82 -20.38
C LYS A 465 10.73 0.49 -21.14
N VAL A 466 11.17 1.57 -20.53
CA VAL A 466 11.09 2.90 -21.12
C VAL A 466 12.38 3.21 -21.85
N ILE A 467 12.31 3.37 -23.18
CA ILE A 467 13.49 3.65 -23.99
C ILE A 467 13.57 5.10 -24.48
N ALA A 468 14.69 5.74 -24.18
CA ALA A 468 14.94 7.11 -24.62
C ALA A 468 16.09 7.02 -25.63
N THR A 469 15.94 7.69 -26.76
CA THR A 469 17.00 7.71 -27.78
C THR A 469 17.28 9.18 -28.05
N LEU A 470 18.49 9.60 -27.72
CA LEU A 470 18.89 10.99 -27.90
C LEU A 470 18.76 11.50 -29.32
N ALA A 471 18.24 12.72 -29.42
CA ALA A 471 18.09 13.39 -30.70
C ALA A 471 19.50 13.78 -31.14
N ASP A 472 20.36 14.02 -30.15
CA ASP A 472 21.75 14.38 -30.40
C ASP A 472 22.63 13.14 -30.46
N GLY A 473 22.63 12.48 -31.61
CA GLY A 473 23.48 11.30 -31.79
C GLY A 473 22.82 9.94 -31.76
N GLY A 474 21.57 9.88 -31.32
CA GLY A 474 20.87 8.60 -31.27
C GLY A 474 21.31 7.60 -30.21
N GLN A 475 21.96 8.07 -29.14
CA GLN A 475 22.40 7.20 -28.05
C GLN A 475 21.18 6.86 -27.18
N THR A 476 20.99 5.58 -26.90
CA THR A 476 19.84 5.13 -26.11
C THR A 476 20.07 4.96 -24.60
N GLY A 477 18.98 4.94 -23.86
CA GLY A 477 19.01 4.78 -22.41
C GLY A 477 17.80 3.96 -22.02
N GLU A 478 17.87 3.28 -20.88
CA GLU A 478 16.77 2.45 -20.43
C GLU A 478 16.30 2.66 -19.00
N GLY A 479 14.99 2.66 -18.85
CA GLY A 479 14.37 2.83 -17.54
C GLY A 479 13.36 1.72 -17.37
N HIS A 480 12.86 1.59 -16.15
CA HIS A 480 11.87 0.58 -15.83
C HIS A 480 10.63 1.21 -15.21
N MET A 481 9.48 0.95 -15.84
CA MET A 481 8.22 1.47 -15.35
C MET A 481 7.17 0.37 -15.21
N ILE A 482 6.50 0.37 -14.07
CA ILE A 482 5.42 -0.59 -13.82
C ILE A 482 4.13 0.23 -13.71
N VAL A 483 3.15 -0.13 -14.52
CA VAL A 483 1.85 0.53 -14.49
C VAL A 483 0.96 -0.39 -13.65
N THR A 484 0.55 0.09 -12.47
CA THR A 484 -0.33 -0.70 -11.59
C THR A 484 -1.69 -0.13 -11.25
N VAL A 485 -2.31 -0.80 -10.29
CA VAL A 485 -3.63 -0.49 -9.77
C VAL A 485 -3.68 0.77 -8.90
N GLN A 486 -4.89 1.23 -8.62
CA GLN A 486 -5.08 2.42 -7.80
C GLN A 486 -5.06 2.08 -6.31
N ARG A 487 -5.02 3.12 -5.50
CA ARG A 487 -5.07 3.01 -4.04
C ARG A 487 -6.08 4.08 -3.63
N TRP A 488 -7.03 3.70 -2.79
CA TRP A 488 -8.07 4.64 -2.35
C TRP A 488 -7.76 5.36 -1.05
N ASN A 489 -6.83 4.82 -0.25
CA ASN A 489 -6.43 5.47 0.98
C ASN A 489 -5.15 6.26 0.66
N ASN A 490 -5.28 7.58 0.62
CA ASN A 490 -4.15 8.45 0.30
C ASN A 490 -4.01 9.64 1.22
N PRO A 491 -3.42 9.42 2.40
CA PRO A 491 -3.23 10.50 3.36
C PRO A 491 -2.18 11.49 2.86
N PRO A 492 -2.06 12.66 3.50
CA PRO A 492 -1.10 13.72 3.18
C PRO A 492 0.33 13.21 3.12
N LEU A 493 0.62 12.20 3.92
CA LEU A 493 1.94 11.58 3.95
C LEU A 493 1.83 10.12 3.52
N PRO A 494 2.71 9.69 2.60
CA PRO A 494 2.71 8.31 2.10
C PRO A 494 3.26 7.31 3.13
N GLY B 4 -36.80 -21.88 3.62
CA GLY B 4 -37.54 -22.26 2.35
C GLY B 4 -37.59 -23.77 2.17
N PRO B 5 -37.18 -24.30 1.00
CA PRO B 5 -37.22 -25.75 0.82
C PRO B 5 -36.19 -26.43 1.72
N ALA B 6 -36.59 -27.48 2.40
CA ALA B 6 -35.65 -28.20 3.26
C ALA B 6 -34.76 -29.01 2.34
N LEU B 7 -33.52 -29.22 2.76
CA LEU B 7 -32.58 -30.02 1.98
C LEU B 7 -33.03 -31.48 1.95
N LYS B 8 -32.67 -32.19 0.89
CA LYS B 8 -33.04 -33.58 0.72
C LYS B 8 -31.96 -34.57 1.14
N ALA B 9 -32.40 -35.61 1.83
CA ALA B 9 -31.51 -36.66 2.32
C ALA B 9 -30.82 -37.41 1.18
N GLY B 10 -29.54 -37.73 1.38
CA GLY B 10 -28.81 -38.43 0.35
C GLY B 10 -28.27 -37.51 -0.72
N HIS B 11 -28.89 -36.34 -0.88
CA HIS B 11 -28.45 -35.36 -1.86
C HIS B 11 -27.20 -34.64 -1.43
N GLU B 12 -26.36 -34.35 -2.41
CA GLU B 12 -25.12 -33.65 -2.14
C GLU B 12 -25.32 -32.15 -2.31
N TYR B 13 -24.76 -31.38 -1.38
CA TYR B 13 -24.89 -29.93 -1.41
C TYR B 13 -23.59 -29.21 -1.16
N MET B 14 -23.59 -27.92 -1.45
CA MET B 14 -22.44 -27.04 -1.25
C MET B 14 -22.91 -25.70 -0.72
N ILE B 15 -22.27 -25.21 0.33
CA ILE B 15 -22.62 -23.91 0.88
C ILE B 15 -21.49 -22.94 0.57
N VAL B 16 -21.85 -21.71 0.25
CA VAL B 16 -20.87 -20.66 -0.04
C VAL B 16 -21.51 -19.38 0.45
N THR B 17 -20.71 -18.46 0.94
CA THR B 17 -21.27 -17.20 1.39
C THR B 17 -20.94 -16.13 0.36
N ASN B 18 -21.90 -15.24 0.16
CA ASN B 18 -21.86 -14.18 -0.82
C ASN B 18 -21.82 -12.83 -0.13
N TYR B 19 -21.27 -11.82 -0.81
CA TYR B 19 -21.12 -10.53 -0.19
C TYR B 19 -22.17 -9.76 0.54
N PRO B 20 -23.28 -9.36 -0.12
CA PRO B 20 -24.26 -8.59 0.68
C PRO B 20 -24.33 -9.18 2.11
N ASN B 21 -24.69 -10.46 2.20
CA ASN B 21 -24.73 -11.21 3.46
C ASN B 21 -25.61 -12.44 3.27
N ASN B 22 -25.31 -13.19 2.22
CA ASN B 22 -26.08 -14.39 1.88
C ASN B 22 -25.30 -15.67 2.14
N LEU B 23 -26.06 -16.73 2.38
CA LEU B 23 -25.52 -18.06 2.56
C LEU B 23 -26.34 -18.78 1.49
N HIS B 24 -25.67 -19.36 0.51
CA HIS B 24 -26.35 -20.06 -0.57
C HIS B 24 -26.13 -21.56 -0.52
N VAL B 25 -27.15 -22.31 -0.89
CA VAL B 25 -27.03 -23.76 -0.93
C VAL B 25 -27.11 -24.12 -2.42
N VAL B 26 -26.07 -24.79 -2.90
CA VAL B 26 -26.00 -25.20 -4.28
C VAL B 26 -26.25 -26.68 -4.37
N ASP B 27 -27.16 -27.08 -5.26
CA ASP B 27 -27.45 -28.48 -5.47
C ASP B 27 -26.34 -28.95 -6.42
N VAL B 28 -25.44 -29.77 -5.90
CA VAL B 28 -24.31 -30.27 -6.65
C VAL B 28 -24.67 -31.09 -7.89
N ALA B 29 -25.79 -31.81 -7.85
CA ALA B 29 -26.20 -32.64 -8.99
C ALA B 29 -26.58 -31.84 -10.23
N SER B 30 -27.37 -30.79 -10.03
CA SER B 30 -27.82 -29.97 -11.12
C SER B 30 -26.99 -28.69 -11.30
N ASP B 31 -26.05 -28.47 -10.39
CA ASP B 31 -25.21 -27.27 -10.44
C ASP B 31 -26.04 -26.01 -10.51
N THR B 32 -27.01 -25.92 -9.61
CA THR B 32 -27.90 -24.76 -9.55
C THR B 32 -28.14 -24.41 -8.09
N VAL B 33 -28.42 -23.14 -7.81
CA VAL B 33 -28.69 -22.68 -6.45
C VAL B 33 -30.03 -23.25 -5.96
N TYR B 34 -29.93 -24.12 -4.96
CA TYR B 34 -31.09 -24.75 -4.34
C TYR B 34 -31.93 -23.74 -3.58
N LYS B 35 -31.29 -22.99 -2.68
CA LYS B 35 -31.94 -21.97 -1.87
C LYS B 35 -30.91 -20.96 -1.38
N SER B 36 -31.41 -19.84 -0.86
CA SER B 36 -30.54 -18.78 -0.33
C SER B 36 -31.08 -18.32 1.01
N CYS B 37 -30.17 -18.04 1.93
CA CYS B 37 -30.51 -17.55 3.26
C CYS B 37 -29.83 -16.21 3.51
N VAL B 38 -30.55 -15.26 4.07
CA VAL B 38 -29.96 -13.97 4.41
C VAL B 38 -29.41 -14.13 5.83
N MET B 39 -28.14 -13.79 6.01
CA MET B 39 -27.53 -13.88 7.33
C MET B 39 -27.67 -12.61 8.14
N PRO B 40 -27.70 -12.73 9.48
CA PRO B 40 -27.83 -11.54 10.33
C PRO B 40 -26.57 -10.69 10.40
N ASP B 41 -26.77 -9.44 10.77
CA ASP B 41 -25.70 -8.47 10.92
C ASP B 41 -24.94 -8.17 9.63
N LYS B 42 -23.61 -8.19 9.67
CA LYS B 42 -22.80 -7.87 8.49
C LYS B 42 -21.87 -9.01 8.06
N PHE B 43 -21.45 -8.98 6.79
CA PHE B 43 -20.55 -9.98 6.22
C PHE B 43 -19.09 -9.68 6.55
N GLY B 44 -18.27 -10.73 6.59
CA GLY B 44 -16.86 -10.58 6.88
C GLY B 44 -16.41 -11.45 8.04
N PRO B 45 -15.68 -12.54 7.77
CA PRO B 45 -15.24 -13.04 6.44
C PRO B 45 -16.27 -13.90 5.72
N GLY B 46 -17.24 -14.39 6.47
CA GLY B 46 -18.28 -15.23 5.90
C GLY B 46 -17.84 -16.69 5.84
N THR B 47 -16.75 -17.02 6.50
CA THR B 47 -16.24 -18.38 6.51
C THR B 47 -17.18 -19.34 7.24
N ALA B 48 -17.63 -20.37 6.54
CA ALA B 48 -18.54 -21.35 7.12
C ALA B 48 -18.03 -22.79 7.11
N MET B 49 -18.58 -23.56 8.04
CA MET B 49 -18.29 -24.99 8.19
C MET B 49 -19.57 -25.67 8.62
N MET B 50 -19.80 -26.85 8.10
CA MET B 50 -21.00 -27.63 8.43
C MET B 50 -20.85 -28.38 9.75
N ALA B 51 -21.90 -28.37 10.56
CA ALA B 51 -21.89 -29.09 11.83
C ALA B 51 -22.09 -30.55 11.49
N PRO B 52 -21.71 -31.47 12.40
CA PRO B 52 -21.84 -32.92 12.19
C PRO B 52 -23.27 -33.38 11.88
N ASP B 53 -24.25 -32.48 12.02
CA ASP B 53 -25.63 -32.82 11.74
C ASP B 53 -26.01 -32.69 10.25
N ASN B 54 -25.08 -32.17 9.45
CA ASN B 54 -25.29 -31.97 8.02
C ASN B 54 -26.51 -31.11 7.80
N ARG B 55 -26.80 -30.25 8.77
CA ARG B 55 -27.97 -29.39 8.74
C ARG B 55 -27.69 -27.95 9.21
N THR B 56 -26.72 -27.79 10.10
CA THR B 56 -26.40 -26.48 10.64
C THR B 56 -25.03 -25.99 10.19
N ALA B 57 -24.99 -24.77 9.69
CA ALA B 57 -23.75 -24.16 9.24
C ALA B 57 -23.33 -23.12 10.25
N TYR B 58 -22.07 -23.15 10.67
CA TYR B 58 -21.53 -22.16 11.59
C TYR B 58 -20.66 -21.21 10.78
N VAL B 59 -20.92 -19.92 10.93
CA VAL B 59 -20.22 -18.87 10.18
C VAL B 59 -19.55 -17.81 11.04
N LEU B 60 -18.29 -17.50 10.71
CA LEU B 60 -17.53 -16.45 11.38
C LEU B 60 -17.92 -15.24 10.52
N ASN B 61 -18.64 -14.30 11.12
CA ASN B 61 -19.11 -13.16 10.39
C ASN B 61 -19.05 -11.90 11.22
N ASN B 62 -19.75 -10.87 10.75
CA ASN B 62 -19.83 -9.57 11.41
C ASN B 62 -18.46 -8.98 11.71
N HIS B 63 -17.63 -8.95 10.67
CA HIS B 63 -16.27 -8.42 10.77
C HIS B 63 -15.35 -9.15 11.74
N TYR B 64 -15.33 -10.47 11.63
CA TYR B 64 -14.49 -11.35 12.44
C TYR B 64 -14.73 -11.27 13.94
N GLY B 65 -15.94 -10.87 14.34
CA GLY B 65 -16.22 -10.75 15.76
C GLY B 65 -17.40 -11.51 16.35
N ASP B 66 -18.04 -12.35 15.53
CA ASP B 66 -19.19 -13.14 15.97
C ASP B 66 -19.28 -14.44 15.18
N ILE B 67 -19.86 -15.47 15.81
CA ILE B 67 -20.07 -16.76 15.16
C ILE B 67 -21.58 -17.04 15.18
N TYR B 68 -22.14 -17.47 14.04
CA TYR B 68 -23.56 -17.74 13.93
C TYR B 68 -23.85 -19.16 13.47
N GLY B 69 -24.92 -19.73 13.98
CA GLY B 69 -25.31 -21.06 13.59
C GLY B 69 -26.58 -20.84 12.79
N ILE B 70 -26.63 -21.39 11.58
CA ILE B 70 -27.80 -21.21 10.74
C ILE B 70 -28.32 -22.58 10.30
N ASP B 71 -29.62 -22.81 10.51
CA ASP B 71 -30.25 -24.05 10.09
C ASP B 71 -30.52 -23.90 8.61
N LEU B 72 -29.91 -24.76 7.79
CA LEU B 72 -30.07 -24.70 6.33
C LEU B 72 -31.46 -25.07 5.79
N ASP B 73 -32.19 -25.91 6.53
CA ASP B 73 -33.52 -26.32 6.11
C ASP B 73 -34.54 -25.20 6.28
N THR B 74 -34.24 -24.23 7.14
CA THR B 74 -35.18 -23.14 7.42
C THR B 74 -34.56 -21.74 7.38
N CYS B 75 -33.24 -21.66 7.28
CA CYS B 75 -32.51 -20.39 7.29
C CYS B 75 -32.59 -19.71 8.65
N LYS B 76 -32.97 -20.47 9.68
CA LYS B 76 -33.10 -19.92 11.01
C LYS B 76 -31.76 -19.76 11.73
N ASN B 77 -31.55 -18.61 12.35
CA ASN B 77 -30.33 -18.35 13.11
C ASN B 77 -30.58 -19.00 14.47
N THR B 78 -29.98 -20.19 14.65
CA THR B 78 -30.14 -20.97 15.86
C THR B 78 -29.11 -20.73 16.96
N PHE B 79 -27.97 -20.16 16.59
CA PHE B 79 -26.89 -19.92 17.54
C PHE B 79 -26.16 -18.62 17.22
N HIS B 80 -25.57 -18.04 18.26
CA HIS B 80 -24.82 -16.81 18.13
C HIS B 80 -23.94 -16.57 19.35
N ALA B 81 -22.64 -16.48 19.11
CA ALA B 81 -21.66 -16.24 20.16
C ALA B 81 -20.88 -15.01 19.80
N ASN B 82 -20.94 -13.99 20.63
CA ASN B 82 -20.17 -12.78 20.38
C ASN B 82 -18.80 -13.06 21.00
N LEU B 83 -17.75 -12.58 20.34
CA LEU B 83 -16.41 -12.81 20.82
C LEU B 83 -15.85 -11.72 21.73
N SER B 84 -16.70 -10.77 22.10
CA SER B 84 -16.26 -9.68 22.97
C SER B 84 -16.99 -9.69 24.31
N SER B 85 -16.99 -10.83 24.98
CA SER B 85 -17.65 -10.98 26.27
C SER B 85 -16.91 -10.35 27.45
N VAL B 86 -15.61 -10.09 27.28
CA VAL B 86 -14.81 -9.49 28.33
C VAL B 86 -14.99 -7.96 28.30
N PRO B 87 -15.35 -7.36 29.45
CA PRO B 87 -15.57 -5.92 29.57
C PRO B 87 -14.36 -5.10 29.13
N GLY B 88 -14.62 -4.09 28.30
CA GLY B 88 -13.57 -3.20 27.83
C GLY B 88 -12.68 -3.67 26.69
N GLU B 89 -12.97 -4.85 26.15
CA GLU B 89 -12.18 -5.40 25.06
C GLU B 89 -13.00 -5.73 23.82
N VAL B 90 -12.33 -5.69 22.67
CA VAL B 90 -12.95 -6.04 21.40
C VAL B 90 -12.18 -7.27 20.91
N GLY B 91 -12.89 -8.37 20.70
CA GLY B 91 -12.26 -9.60 20.26
C GLY B 91 -12.47 -9.92 18.80
N ARG B 92 -11.38 -10.32 18.13
CA ARG B 92 -11.42 -10.67 16.72
C ARG B 92 -10.90 -12.08 16.50
N SER B 93 -11.45 -12.77 15.52
CA SER B 93 -11.03 -14.12 15.23
C SER B 93 -10.45 -14.19 13.81
N MET B 94 -9.16 -14.51 13.71
CA MET B 94 -8.50 -14.60 12.41
C MET B 94 -8.78 -15.98 11.81
N TYR B 95 -10.05 -16.17 11.39
CA TYR B 95 -10.53 -17.42 10.80
C TYR B 95 -10.33 -18.61 11.74
N SER B 96 -10.26 -18.34 13.05
CA SER B 96 -10.01 -19.38 14.05
C SER B 96 -11.24 -19.82 14.82
N PHE B 97 -11.88 -20.89 14.34
CA PHE B 97 -13.06 -21.46 14.97
C PHE B 97 -13.22 -22.92 14.50
N ALA B 98 -13.80 -23.76 15.34
CA ALA B 98 -14.01 -25.17 14.99
C ALA B 98 -15.23 -25.71 15.75
N ILE B 99 -15.82 -26.78 15.23
CA ILE B 99 -16.98 -27.40 15.86
C ILE B 99 -16.53 -28.76 16.39
N SER B 100 -17.00 -29.10 17.59
CA SER B 100 -16.68 -30.38 18.21
C SER B 100 -17.23 -31.52 17.36
N PRO B 101 -16.63 -32.72 17.46
CA PRO B 101 -17.07 -33.89 16.70
C PRO B 101 -18.55 -34.23 16.92
N ASP B 102 -19.05 -33.99 18.12
CA ASP B 102 -20.45 -34.26 18.42
C ASP B 102 -21.34 -33.05 18.15
N GLY B 103 -20.72 -31.92 17.83
CA GLY B 103 -21.45 -30.70 17.55
C GLY B 103 -22.01 -29.96 18.74
N LYS B 104 -21.57 -30.33 19.94
CA LYS B 104 -22.04 -29.71 21.18
C LYS B 104 -21.29 -28.46 21.62
N GLU B 105 -20.11 -28.23 21.07
CA GLU B 105 -19.33 -27.06 21.42
C GLU B 105 -18.71 -26.41 20.20
N VAL B 106 -18.42 -25.13 20.32
CA VAL B 106 -17.77 -24.36 19.27
C VAL B 106 -16.58 -23.72 19.97
N TYR B 107 -15.44 -23.73 19.30
CA TYR B 107 -14.22 -23.16 19.83
C TYR B 107 -13.82 -21.99 18.96
N ALA B 108 -13.12 -21.03 19.54
CA ALA B 108 -12.67 -19.87 18.78
C ALA B 108 -11.56 -19.19 19.54
N THR B 109 -10.46 -18.89 18.87
CA THR B 109 -9.40 -18.14 19.55
C THR B 109 -9.66 -16.66 19.28
N VAL B 110 -9.69 -15.91 20.36
CA VAL B 110 -9.96 -14.50 20.34
C VAL B 110 -8.70 -13.71 20.61
N ASN B 111 -8.37 -12.82 19.68
CA ASN B 111 -7.23 -11.92 19.80
C ASN B 111 -7.94 -10.65 20.25
N PRO B 112 -7.88 -10.33 21.55
CA PRO B 112 -8.55 -9.13 22.06
C PRO B 112 -7.70 -7.89 22.20
N THR B 113 -8.37 -6.75 22.12
CA THR B 113 -7.71 -5.47 22.29
C THR B 113 -8.55 -4.60 23.21
N GLN B 114 -7.94 -4.19 24.30
CA GLN B 114 -8.61 -3.34 25.26
C GLN B 114 -8.59 -1.93 24.69
N ARG B 115 -9.76 -1.40 24.37
CA ARG B 115 -9.84 -0.06 23.82
C ARG B 115 -10.26 0.96 24.86
N LEU B 116 -9.31 1.77 25.30
CA LEU B 116 -9.55 2.81 26.29
C LEU B 116 -9.77 4.19 25.63
N ASN B 117 -10.01 5.19 26.48
CA ASN B 117 -10.28 6.54 26.01
C ASN B 117 -9.26 7.17 25.08
N ASP B 118 -7.98 6.98 25.38
CA ASP B 118 -6.90 7.59 24.59
C ASP B 118 -5.79 6.65 24.13
N HIS B 119 -6.01 5.35 24.24
CA HIS B 119 -5.01 4.37 23.79
C HIS B 119 -5.56 2.95 23.74
N TYR B 120 -4.83 2.07 23.04
CA TYR B 120 -5.19 0.67 22.91
C TYR B 120 -4.12 -0.16 23.58
N VAL B 121 -4.52 -1.33 24.07
CA VAL B 121 -3.60 -2.26 24.68
C VAL B 121 -3.97 -3.61 24.10
N VAL B 122 -3.04 -4.21 23.38
CA VAL B 122 -3.28 -5.53 22.79
C VAL B 122 -3.11 -6.54 23.92
N LYS B 123 -4.09 -7.43 24.06
CA LYS B 123 -4.06 -8.44 25.10
C LYS B 123 -3.71 -9.82 24.54
N PRO B 124 -3.29 -10.76 25.41
CA PRO B 124 -2.93 -12.10 24.96
C PRO B 124 -4.17 -12.82 24.41
N PRO B 125 -3.99 -13.67 23.40
CA PRO B 125 -5.15 -14.38 22.83
C PRO B 125 -5.70 -15.40 23.82
N ARG B 126 -6.89 -15.91 23.54
CA ARG B 126 -7.54 -16.91 24.39
C ARG B 126 -8.54 -17.75 23.60
N LEU B 127 -8.62 -19.04 23.92
CA LEU B 127 -9.59 -19.92 23.29
C LEU B 127 -10.85 -19.83 24.14
N GLU B 128 -11.99 -19.56 23.50
CA GLU B 128 -13.25 -19.49 24.20
C GLU B 128 -14.12 -20.63 23.69
N VAL B 129 -14.71 -21.37 24.63
CA VAL B 129 -15.58 -22.49 24.30
C VAL B 129 -17.02 -22.07 24.51
N PHE B 130 -17.88 -22.41 23.55
CA PHE B 130 -19.29 -22.07 23.64
C PHE B 130 -20.10 -23.34 23.50
N SER B 131 -21.21 -23.40 24.21
CA SER B 131 -22.09 -24.55 24.12
C SER B 131 -23.13 -24.19 23.08
N THR B 132 -23.29 -25.03 22.08
CA THR B 132 -24.25 -24.76 21.01
C THR B 132 -25.69 -24.74 21.50
N ALA B 133 -25.92 -25.32 22.68
CA ALA B 133 -27.26 -25.34 23.27
C ALA B 133 -27.65 -23.97 23.81
N ASP B 134 -26.66 -23.11 24.03
CA ASP B 134 -26.92 -21.77 24.56
C ASP B 134 -27.64 -20.76 23.66
N GLY B 135 -27.97 -21.16 22.44
CA GLY B 135 -28.70 -20.28 21.54
C GLY B 135 -28.12 -18.96 21.07
N LEU B 136 -28.95 -17.93 21.08
CA LEU B 136 -28.54 -16.60 20.60
C LEU B 136 -27.77 -15.70 21.57
N GLU B 137 -27.57 -16.16 22.80
CA GLU B 137 -26.86 -15.35 23.79
C GLU B 137 -25.72 -16.17 24.40
N ALA B 138 -25.14 -17.06 23.61
CA ALA B 138 -24.05 -17.91 24.07
C ALA B 138 -22.87 -17.12 24.63
N LYS B 139 -22.41 -17.55 25.80
CA LYS B 139 -21.28 -16.94 26.46
C LYS B 139 -20.24 -18.01 26.78
N PRO B 140 -18.97 -17.61 26.93
CA PRO B 140 -17.90 -18.55 27.25
C PRO B 140 -18.21 -19.48 28.43
N VAL B 141 -18.16 -20.78 28.18
CA VAL B 141 -18.39 -21.75 29.26
C VAL B 141 -17.04 -22.21 29.78
N ARG B 142 -15.99 -21.89 29.05
CA ARG B 142 -14.62 -22.27 29.41
C ARG B 142 -13.68 -21.43 28.54
N THR B 143 -12.56 -21.00 29.10
CA THR B 143 -11.57 -20.25 28.34
C THR B 143 -10.14 -20.59 28.78
N PHE B 144 -9.25 -20.68 27.81
CA PHE B 144 -7.86 -21.02 28.06
C PHE B 144 -6.96 -20.03 27.35
N PRO B 145 -5.69 -19.94 27.78
CA PRO B 145 -4.74 -19.03 27.15
C PRO B 145 -4.23 -19.64 25.84
N MET B 146 -4.00 -18.81 24.83
CA MET B 146 -3.54 -19.26 23.53
C MET B 146 -2.34 -18.47 23.06
N PRO B 147 -1.47 -19.11 22.27
CA PRO B 147 -0.30 -18.37 21.78
C PRO B 147 -0.76 -17.40 20.67
N ARG B 148 0.09 -16.44 20.33
CA ARG B 148 -0.22 -15.48 19.27
C ARG B 148 -0.11 -16.10 17.89
N GLN B 149 -0.67 -15.39 16.91
CA GLN B 149 -0.66 -15.76 15.50
C GLN B 149 -1.36 -17.08 15.14
N VAL B 150 -2.41 -17.39 15.90
CA VAL B 150 -3.20 -18.60 15.66
C VAL B 150 -4.31 -18.28 14.66
N TYR B 151 -4.53 -19.19 13.71
CA TYR B 151 -5.57 -19.04 12.71
C TYR B 151 -6.41 -20.31 12.61
N LEU B 152 -6.43 -21.01 11.47
CA LEU B 152 -7.22 -22.23 11.31
C LEU B 152 -7.12 -23.28 12.43
N MET B 153 -8.26 -23.90 12.75
CA MET B 153 -8.35 -24.95 13.77
C MET B 153 -9.36 -25.98 13.28
N ARG B 154 -9.12 -27.24 13.60
CA ARG B 154 -10.03 -28.32 13.23
C ARG B 154 -10.00 -29.37 14.34
N ALA B 155 -11.20 -29.75 14.80
CA ALA B 155 -11.35 -30.74 15.84
C ALA B 155 -11.29 -32.15 15.24
N ALA B 156 -10.40 -32.97 15.75
CA ALA B 156 -10.26 -34.34 15.29
C ALA B 156 -11.41 -35.18 15.86
N ASP B 157 -11.55 -36.41 15.36
CA ASP B 157 -12.62 -37.32 15.79
C ASP B 157 -12.60 -37.63 17.29
N ASP B 158 -11.40 -37.73 17.87
CA ASP B 158 -11.27 -38.03 19.29
C ASP B 158 -11.45 -36.79 20.18
N GLY B 159 -11.99 -35.72 19.59
CA GLY B 159 -12.21 -34.49 20.33
C GLY B 159 -11.04 -33.53 20.45
N SER B 160 -9.84 -33.96 20.06
CA SER B 160 -8.65 -33.10 20.13
C SER B 160 -8.75 -31.98 19.10
N LEU B 161 -8.12 -30.85 19.39
CA LEU B 161 -8.20 -29.72 18.48
C LEU B 161 -6.83 -29.39 17.91
N TYR B 162 -6.72 -29.48 16.59
CA TYR B 162 -5.48 -29.15 15.89
C TYR B 162 -5.52 -27.67 15.59
N VAL B 163 -4.59 -26.95 16.20
CA VAL B 163 -4.49 -25.50 16.10
C VAL B 163 -3.31 -25.04 15.26
N ALA B 164 -3.60 -24.31 14.19
CA ALA B 164 -2.57 -23.77 13.31
C ALA B 164 -2.08 -22.43 13.85
N GLY B 165 -0.80 -22.38 14.23
CA GLY B 165 -0.20 -21.17 14.73
C GLY B 165 1.25 -21.18 14.26
N PRO B 166 2.22 -20.64 15.02
CA PRO B 166 3.62 -20.67 14.59
C PRO B 166 3.99 -22.11 14.19
N ASP B 167 3.42 -23.05 14.94
CA ASP B 167 3.56 -24.49 14.71
C ASP B 167 2.12 -25.02 14.81
N ILE B 168 1.88 -26.24 14.34
CA ILE B 168 0.53 -26.81 14.44
C ILE B 168 0.52 -27.53 15.80
N TYR B 169 -0.43 -27.16 16.65
CA TYR B 169 -0.56 -27.75 17.97
C TYR B 169 -1.72 -28.73 18.04
N LYS B 170 -1.67 -29.59 19.05
CA LYS B 170 -2.71 -30.57 19.31
C LYS B 170 -3.15 -30.14 20.70
N MET B 171 -4.40 -29.71 20.82
CA MET B 171 -4.90 -29.20 22.09
C MET B 171 -6.05 -29.96 22.72
N ASP B 172 -5.95 -30.17 24.03
CA ASP B 172 -6.98 -30.84 24.83
C ASP B 172 -7.94 -29.72 25.21
N VAL B 173 -9.17 -29.79 24.72
CA VAL B 173 -10.18 -28.77 24.99
C VAL B 173 -10.75 -28.74 26.41
N LYS B 174 -10.39 -29.73 27.22
CA LYS B 174 -10.86 -29.81 28.61
C LYS B 174 -9.84 -29.19 29.56
N THR B 175 -8.56 -29.47 29.34
CA THR B 175 -7.50 -28.94 30.19
C THR B 175 -6.81 -27.71 29.59
N GLY B 176 -6.88 -27.58 28.27
CA GLY B 176 -6.25 -26.45 27.61
C GLY B 176 -4.79 -26.68 27.32
N LYS B 177 -4.24 -27.80 27.77
CA LYS B 177 -2.83 -28.07 27.51
C LYS B 177 -2.67 -28.47 26.06
N TYR B 178 -1.56 -28.08 25.46
CA TYR B 178 -1.30 -28.42 24.07
C TYR B 178 0.16 -28.75 23.82
N THR B 179 0.41 -29.54 22.78
CA THR B 179 1.75 -29.93 22.38
C THR B 179 1.90 -29.60 20.89
N VAL B 180 3.13 -29.49 20.41
CA VAL B 180 3.37 -29.22 19.00
C VAL B 180 3.14 -30.51 18.22
N ALA B 181 2.12 -30.53 17.37
CA ALA B 181 1.81 -31.71 16.56
C ALA B 181 2.65 -31.75 15.29
N LEU B 182 2.94 -30.57 14.75
CA LEU B 182 3.69 -30.50 13.52
C LEU B 182 4.44 -29.16 13.51
N PRO B 183 5.76 -29.20 13.71
CA PRO B 183 6.56 -27.97 13.73
C PRO B 183 6.69 -27.31 12.36
N LEU B 184 6.38 -26.02 12.31
CA LEU B 184 6.50 -25.24 11.09
C LEU B 184 7.60 -24.23 11.35
N ARG B 185 7.32 -23.24 12.19
CA ARG B 185 8.32 -22.23 12.50
C ARG B 185 9.55 -22.86 13.16
N ASN B 186 9.34 -23.81 14.05
CA ASN B 186 10.45 -24.47 14.72
C ASN B 186 10.77 -25.82 14.10
N TRP B 187 10.53 -25.94 12.81
CA TRP B 187 10.84 -27.15 12.05
C TRP B 187 12.29 -26.92 11.63
N ASN B 188 13.22 -27.35 12.48
CA ASN B 188 14.62 -27.13 12.17
C ASN B 188 15.20 -28.20 11.25
N ARG B 189 14.72 -28.11 10.01
CA ARG B 189 15.06 -29.00 8.93
C ARG B 189 16.30 -28.47 8.22
N LYS B 190 17.39 -29.23 8.22
CA LYS B 190 18.61 -28.75 7.57
C LYS B 190 18.55 -28.72 6.04
N GLY B 191 19.17 -27.70 5.47
CA GLY B 191 19.17 -27.54 4.02
C GLY B 191 17.99 -26.73 3.56
N TYR B 192 17.03 -26.51 4.45
CA TYR B 192 15.82 -25.74 4.14
C TYR B 192 15.62 -24.58 5.07
N SER B 193 14.73 -23.68 4.65
CA SER B 193 14.37 -22.52 5.44
C SER B 193 13.12 -22.94 6.22
N ALA B 194 12.57 -22.04 7.00
CA ALA B 194 11.34 -22.33 7.73
C ALA B 194 10.23 -22.19 6.69
N PRO B 195 9.15 -22.99 6.79
CA PRO B 195 8.08 -22.87 5.80
C PRO B 195 7.22 -21.61 6.03
N ASP B 196 6.55 -21.17 4.96
CA ASP B 196 5.66 -20.02 5.05
C ASP B 196 4.27 -20.54 4.75
N VAL B 197 3.31 -20.21 5.62
CA VAL B 197 1.95 -20.68 5.44
C VAL B 197 0.96 -19.54 5.56
N LEU B 198 0.21 -19.33 4.49
CA LEU B 198 -0.82 -18.31 4.41
C LEU B 198 -2.06 -19.09 3.97
N TYR B 199 -2.91 -19.47 4.92
CA TYR B 199 -4.09 -20.26 4.62
C TYR B 199 -5.26 -19.88 5.53
N PHE B 200 -6.37 -19.48 4.90
CA PHE B 200 -7.57 -19.07 5.62
C PHE B 200 -8.81 -19.81 5.11
N TRP B 201 -8.60 -20.97 4.53
CA TRP B 201 -9.70 -21.75 3.99
C TRP B 201 -9.74 -23.11 4.68
N PRO B 202 -10.63 -23.26 5.68
CA PRO B 202 -10.76 -24.53 6.41
C PRO B 202 -11.61 -25.53 5.59
N HIS B 203 -10.96 -26.20 4.66
CA HIS B 203 -11.63 -27.18 3.79
C HIS B 203 -12.19 -28.38 4.54
N GLN B 204 -13.46 -28.66 4.34
CA GLN B 204 -14.09 -29.84 4.92
C GLN B 204 -14.18 -30.77 3.72
N SER B 205 -13.02 -31.27 3.32
CA SER B 205 -12.89 -32.14 2.16
C SER B 205 -13.34 -33.59 2.40
N PRO B 206 -13.62 -34.32 1.30
CA PRO B 206 -14.08 -35.73 1.41
C PRO B 206 -13.07 -36.63 2.15
N ARG B 207 -11.77 -36.29 2.05
CA ARG B 207 -10.69 -37.06 2.68
C ARG B 207 -10.65 -36.98 4.22
N HIS B 208 -11.42 -36.06 4.80
CA HIS B 208 -11.49 -35.88 6.26
C HIS B 208 -10.13 -35.50 6.83
N GLU B 209 -9.52 -34.49 6.23
CA GLU B 209 -8.21 -34.03 6.69
C GLU B 209 -8.13 -32.51 6.74
N PHE B 210 -7.24 -32.05 7.62
CA PHE B 210 -6.94 -30.64 7.81
C PHE B 210 -5.67 -30.47 7.00
N SER B 211 -5.82 -29.88 5.82
CA SER B 211 -4.69 -29.68 4.93
C SER B 211 -4.45 -28.22 4.63
N MET B 212 -3.20 -27.90 4.33
CA MET B 212 -2.78 -26.56 3.98
C MET B 212 -1.58 -26.65 3.05
N LEU B 213 -1.39 -25.64 2.21
CA LEU B 213 -0.23 -25.58 1.33
C LEU B 213 0.77 -24.65 2.02
N TYR B 214 2.03 -24.84 1.72
CA TYR B 214 3.10 -24.01 2.26
C TYR B 214 4.20 -23.91 1.22
N THR B 215 5.05 -22.90 1.35
CA THR B 215 6.18 -22.75 0.46
C THR B 215 7.40 -22.87 1.36
N ILE B 216 8.54 -23.24 0.79
CA ILE B 216 9.76 -23.39 1.56
C ILE B 216 10.95 -23.32 0.63
N ALA B 217 12.02 -22.67 1.07
CA ALA B 217 13.22 -22.54 0.27
C ALA B 217 14.21 -23.66 0.56
N ARG B 218 14.70 -24.30 -0.49
CA ARG B 218 15.68 -25.36 -0.30
C ARG B 218 17.00 -24.80 -0.77
N PHE B 219 17.95 -24.69 0.14
CA PHE B 219 19.27 -24.16 -0.20
C PHE B 219 20.12 -25.18 -1.00
N ALA B 227 18.12 -15.81 -4.93
CA ALA B 227 19.27 -15.78 -3.99
C ALA B 227 19.70 -17.20 -3.64
N THR B 228 19.87 -18.01 -4.69
CA THR B 228 20.31 -19.41 -4.60
C THR B 228 19.24 -20.41 -4.14
N ALA B 229 18.47 -20.03 -3.13
CA ALA B 229 17.42 -20.88 -2.59
C ALA B 229 16.47 -21.32 -3.69
N ASP B 230 16.05 -22.58 -3.62
CA ASP B 230 15.14 -23.18 -4.58
C ASP B 230 13.73 -23.15 -3.97
N LEU B 231 12.85 -22.34 -4.53
CA LEU B 231 11.48 -22.23 -4.02
C LEU B 231 10.62 -23.43 -4.37
N LEU B 232 9.98 -24.00 -3.35
CA LEU B 232 9.13 -25.16 -3.55
C LEU B 232 7.77 -25.05 -2.88
N TYR B 233 6.82 -25.81 -3.41
CA TYR B 233 5.50 -25.85 -2.84
C TYR B 233 5.36 -27.19 -2.12
N GLY B 234 4.74 -27.13 -0.95
CA GLY B 234 4.55 -28.33 -0.16
C GLY B 234 3.10 -28.45 0.23
N TYR B 235 2.78 -29.62 0.78
CA TYR B 235 1.44 -29.93 1.20
C TYR B 235 1.56 -30.51 2.59
N LEU B 236 0.69 -30.05 3.48
CA LEU B 236 0.66 -30.47 4.86
C LEU B 236 -0.71 -31.09 5.09
N SER B 237 -0.79 -32.06 5.98
CA SER B 237 -2.08 -32.68 6.27
C SER B 237 -2.13 -33.39 7.61
N VAL B 238 -3.26 -33.24 8.29
CA VAL B 238 -3.50 -33.88 9.57
C VAL B 238 -4.73 -34.73 9.36
N ASP B 239 -4.58 -36.04 9.45
CA ASP B 239 -5.71 -36.95 9.27
C ASP B 239 -6.57 -36.76 10.51
N LEU B 240 -7.81 -36.33 10.32
CA LEU B 240 -8.69 -36.08 11.46
C LEU B 240 -9.22 -37.34 12.17
N LYS B 241 -9.05 -38.51 11.54
CA LYS B 241 -9.48 -39.78 12.11
C LYS B 241 -8.41 -40.34 13.05
N THR B 242 -7.18 -40.40 12.55
CA THR B 242 -6.06 -40.98 13.28
C THR B 242 -5.06 -40.01 13.91
N GLY B 243 -5.08 -38.75 13.48
CA GLY B 243 -4.15 -37.78 14.01
C GLY B 243 -2.80 -37.81 13.31
N LYS B 244 -2.71 -38.66 12.28
CA LYS B 244 -1.48 -38.81 11.50
C LYS B 244 -1.17 -37.54 10.72
N THR B 245 0.03 -37.01 10.93
CA THR B 245 0.48 -35.80 10.24
C THR B 245 1.42 -36.14 9.08
N HIS B 246 1.36 -35.33 8.02
CA HIS B 246 2.17 -35.54 6.83
C HIS B 246 2.46 -34.26 6.03
N THR B 247 3.68 -34.16 5.50
CA THR B 247 4.09 -33.02 4.69
C THR B 247 4.91 -33.54 3.52
N GLN B 248 4.99 -32.75 2.44
CA GLN B 248 5.78 -33.13 1.28
C GLN B 248 5.74 -32.09 0.19
N GLU B 249 6.92 -31.77 -0.34
CA GLU B 249 7.02 -30.80 -1.43
C GLU B 249 6.55 -31.53 -2.70
N PHE B 250 5.74 -30.85 -3.51
CA PHE B 250 5.24 -31.48 -4.74
C PHE B 250 5.58 -30.76 -6.04
N ALA B 251 6.36 -29.70 -5.96
CA ALA B 251 6.72 -28.94 -7.16
C ALA B 251 7.62 -27.75 -6.91
N ASP B 252 8.37 -27.36 -7.93
CA ASP B 252 9.19 -26.17 -7.79
C ASP B 252 8.23 -25.04 -8.09
N LEU B 253 8.24 -24.02 -7.23
CA LEU B 253 7.37 -22.88 -7.38
C LEU B 253 7.67 -22.06 -8.62
N THR B 254 6.73 -22.07 -9.57
CA THR B 254 6.82 -21.30 -10.81
C THR B 254 5.78 -20.17 -10.78
N GLU B 255 4.70 -20.42 -10.01
CA GLU B 255 3.60 -19.48 -9.84
C GLU B 255 3.00 -19.70 -8.46
N LEU B 256 2.12 -18.80 -8.04
CA LEU B 256 1.49 -18.92 -6.73
C LEU B 256 0.12 -19.58 -6.79
N TYR B 257 -0.26 -20.20 -5.67
CA TYR B 257 -1.55 -20.87 -5.46
C TYR B 257 -1.99 -20.49 -4.05
N PHE B 258 -3.27 -20.18 -3.89
CA PHE B 258 -3.80 -19.86 -2.57
C PHE B 258 -4.24 -21.14 -1.86
N THR B 259 -5.10 -21.92 -2.52
CA THR B 259 -5.57 -23.19 -1.95
C THR B 259 -5.17 -24.35 -2.84
N GLY B 260 -5.19 -25.55 -2.24
CA GLY B 260 -4.85 -26.76 -2.95
C GLY B 260 -5.49 -27.96 -2.28
N LEU B 261 -6.09 -28.83 -3.07
CA LEU B 261 -6.73 -30.03 -2.55
C LEU B 261 -6.32 -31.29 -3.32
N ARG B 262 -6.27 -32.40 -2.61
CA ARG B 262 -5.96 -33.67 -3.22
C ARG B 262 -7.28 -34.24 -3.68
N SER B 263 -7.28 -34.81 -4.88
CA SER B 263 -8.48 -35.40 -5.45
C SER B 263 -8.85 -36.61 -4.62
N PRO B 264 -10.12 -36.70 -4.22
CA PRO B 264 -10.58 -37.84 -3.43
C PRO B 264 -10.61 -39.10 -4.31
N LYS B 265 -10.63 -38.86 -5.62
CA LYS B 265 -10.66 -39.88 -6.68
C LYS B 265 -9.26 -40.48 -6.86
N ASP B 266 -8.26 -39.59 -6.91
CA ASP B 266 -6.86 -40.01 -7.03
C ASP B 266 -6.05 -39.09 -6.12
N PRO B 267 -5.70 -39.59 -4.93
CA PRO B 267 -4.93 -38.83 -3.93
C PRO B 267 -3.55 -38.45 -4.39
N ASN B 268 -3.07 -39.09 -5.46
CA ASN B 268 -1.75 -38.77 -5.98
C ASN B 268 -1.76 -37.49 -6.82
N GLN B 269 -2.93 -36.92 -7.01
CA GLN B 269 -3.05 -35.68 -7.76
C GLN B 269 -3.53 -34.56 -6.87
N ILE B 270 -2.81 -33.44 -6.91
CA ILE B 270 -3.15 -32.25 -6.13
C ILE B 270 -3.40 -31.05 -7.06
N TYR B 271 -4.55 -30.41 -6.86
CA TYR B 271 -4.94 -29.26 -7.67
C TYR B 271 -4.76 -27.96 -6.90
N GLY B 272 -3.97 -27.03 -7.44
CA GLY B 272 -3.76 -25.76 -6.81
C GLY B 272 -4.40 -24.68 -7.66
N VAL B 273 -4.72 -23.52 -7.08
CA VAL B 273 -5.36 -22.46 -7.84
C VAL B 273 -5.12 -21.03 -7.32
N LEU B 274 -5.14 -20.10 -8.26
CA LEU B 274 -5.02 -18.66 -8.01
C LEU B 274 -5.28 -18.03 -9.38
N ASN B 275 -4.24 -17.88 -10.19
CA ASN B 275 -4.37 -17.30 -11.54
C ASN B 275 -4.51 -18.38 -12.61
N ARG B 276 -4.12 -19.60 -12.26
CA ARG B 276 -4.26 -20.77 -13.12
C ARG B 276 -4.65 -21.91 -12.21
N LEU B 277 -5.30 -22.92 -12.77
CA LEU B 277 -5.68 -24.10 -12.01
C LEU B 277 -4.63 -25.13 -12.45
N ALA B 278 -3.82 -25.60 -11.52
CA ALA B 278 -2.79 -26.57 -11.84
C ALA B 278 -3.02 -27.93 -11.21
N LYS B 279 -2.77 -28.97 -12.01
CA LYS B 279 -2.92 -30.37 -11.62
C LYS B 279 -1.52 -30.95 -11.49
N TYR B 280 -1.16 -31.40 -10.30
CA TYR B 280 0.17 -31.95 -10.05
C TYR B 280 0.20 -33.42 -9.67
N ASP B 281 1.33 -34.07 -9.96
CA ASP B 281 1.53 -35.46 -9.64
C ASP B 281 2.40 -35.46 -8.38
N LEU B 282 1.82 -35.81 -7.25
CA LEU B 282 2.56 -35.82 -5.98
C LEU B 282 3.79 -36.69 -6.05
N LYS B 283 3.58 -37.92 -6.51
CA LYS B 283 4.64 -38.92 -6.62
C LYS B 283 5.80 -38.35 -7.43
N GLN B 284 5.52 -38.01 -8.68
CA GLN B 284 6.52 -37.46 -9.58
C GLN B 284 6.95 -36.03 -9.30
N ARG B 285 6.20 -35.33 -8.43
CA ARG B 285 6.48 -33.93 -8.11
C ARG B 285 6.51 -33.16 -9.42
N LYS B 286 5.55 -33.46 -10.29
CA LYS B 286 5.48 -32.87 -11.62
C LYS B 286 4.13 -32.30 -12.02
N LEU B 287 4.15 -31.15 -12.69
CA LEU B 287 2.95 -30.53 -13.19
C LEU B 287 2.43 -31.37 -14.35
N ILE B 288 1.24 -31.94 -14.21
CA ILE B 288 0.70 -32.74 -15.31
C ILE B 288 -0.13 -31.87 -16.26
N LYS B 289 -0.81 -30.85 -15.72
CA LYS B 289 -1.61 -29.96 -16.54
C LYS B 289 -2.09 -28.68 -15.84
N ALA B 290 -2.18 -27.60 -16.61
CA ALA B 290 -2.62 -26.32 -16.08
C ALA B 290 -3.71 -25.77 -16.96
N ALA B 291 -4.58 -24.94 -16.38
CA ALA B 291 -5.68 -24.36 -17.13
C ALA B 291 -5.77 -22.87 -16.83
N ASN B 292 -6.07 -22.09 -17.88
CA ASN B 292 -6.23 -20.65 -17.74
C ASN B 292 -7.66 -20.39 -17.27
N LEU B 293 -7.80 -19.37 -16.43
CA LEU B 293 -9.09 -19.01 -15.83
C LEU B 293 -9.66 -17.73 -16.40
N ASP B 294 -10.95 -17.52 -16.15
CA ASP B 294 -11.64 -16.32 -16.60
C ASP B 294 -11.22 -15.13 -15.75
N HIS B 295 -10.73 -15.44 -14.55
CA HIS B 295 -10.24 -14.44 -13.59
C HIS B 295 -9.63 -15.19 -12.42
N THR B 296 -9.04 -14.43 -11.48
CA THR B 296 -8.44 -15.04 -10.30
C THR B 296 -9.50 -15.74 -9.45
N TYR B 297 -9.16 -16.94 -8.98
CA TYR B 297 -10.03 -17.72 -8.11
C TYR B 297 -9.19 -18.08 -6.90
N TYR B 298 -9.79 -18.02 -5.71
CA TYR B 298 -9.09 -18.32 -4.46
C TYR B 298 -9.15 -19.75 -3.96
N CYS B 299 -10.37 -20.26 -3.85
CA CYS B 299 -10.61 -21.56 -3.24
C CYS B 299 -11.20 -22.72 -4.03
N VAL B 300 -10.52 -23.86 -3.99
CA VAL B 300 -10.98 -25.06 -4.67
C VAL B 300 -11.91 -25.86 -3.75
N ALA B 301 -12.76 -26.67 -4.38
CA ALA B 301 -13.69 -27.53 -3.68
C ALA B 301 -13.99 -28.73 -4.59
N PHE B 302 -13.89 -29.93 -4.03
CA PHE B 302 -14.17 -31.15 -4.77
C PHE B 302 -15.48 -31.72 -4.27
N ASP B 303 -16.24 -32.34 -5.17
CA ASP B 303 -17.46 -33.00 -4.73
C ASP B 303 -17.00 -34.33 -4.11
N LYS B 304 -17.93 -35.08 -3.52
CA LYS B 304 -17.61 -36.34 -2.85
C LYS B 304 -16.82 -37.37 -3.68
N LYS B 305 -17.24 -37.57 -4.92
CA LYS B 305 -16.58 -38.52 -5.82
C LYS B 305 -15.32 -37.99 -6.50
N GLY B 306 -15.16 -36.66 -6.52
CA GLY B 306 -14.01 -36.08 -7.17
C GLY B 306 -14.21 -36.01 -8.68
N ASP B 307 -15.48 -36.03 -9.08
CA ASP B 307 -15.88 -35.95 -10.48
C ASP B 307 -16.02 -34.50 -10.94
N LYS B 308 -16.06 -33.57 -9.98
CA LYS B 308 -16.16 -32.14 -10.27
C LYS B 308 -15.21 -31.37 -9.36
N LEU B 309 -14.86 -30.18 -9.81
CA LEU B 309 -13.96 -29.31 -9.07
C LEU B 309 -14.59 -27.93 -9.20
N TYR B 310 -14.93 -27.32 -8.08
CA TYR B 310 -15.51 -25.99 -8.08
C TYR B 310 -14.45 -24.99 -7.69
N LEU B 311 -14.51 -23.81 -8.31
CA LEU B 311 -13.58 -22.72 -8.00
C LEU B 311 -14.43 -21.60 -7.43
N GLY B 312 -14.13 -21.19 -6.21
CA GLY B 312 -14.88 -20.14 -5.57
C GLY B 312 -14.01 -19.04 -5.05
N GLY B 313 -14.59 -18.14 -4.27
CA GLY B 313 -13.85 -17.00 -3.78
C GLY B 313 -13.94 -15.91 -4.84
N THR B 314 -13.36 -14.75 -4.55
CA THR B 314 -13.34 -13.59 -5.44
C THR B 314 -14.70 -12.99 -5.83
N PHE B 315 -15.10 -13.14 -7.10
CA PHE B 315 -16.37 -12.60 -7.57
C PHE B 315 -17.59 -13.43 -7.16
N ASN B 316 -18.70 -13.26 -7.86
CA ASN B 316 -19.93 -13.97 -7.53
C ASN B 316 -20.23 -15.21 -8.36
N ASP B 317 -19.21 -15.82 -8.96
CA ASP B 317 -19.47 -17.02 -9.74
C ASP B 317 -18.56 -18.19 -9.41
N LEU B 318 -19.16 -19.38 -9.40
CA LEU B 318 -18.43 -20.63 -9.18
C LEU B 318 -18.09 -21.18 -10.56
N ALA B 319 -16.89 -21.70 -10.70
CA ALA B 319 -16.48 -22.29 -11.96
C ALA B 319 -16.53 -23.80 -11.72
N VAL B 320 -17.22 -24.52 -12.58
CA VAL B 320 -17.31 -25.97 -12.47
C VAL B 320 -16.35 -26.54 -13.51
N PHE B 321 -15.40 -27.34 -13.05
CA PHE B 321 -14.38 -27.96 -13.89
C PHE B 321 -14.46 -29.48 -13.88
N ASN B 322 -13.99 -30.08 -14.97
CA ASN B 322 -13.91 -31.51 -15.07
C ASN B 322 -12.47 -31.71 -14.68
N PRO B 323 -12.22 -32.39 -13.55
CA PRO B 323 -10.86 -32.63 -13.07
C PRO B 323 -9.94 -33.43 -14.00
N ASP B 324 -10.50 -34.34 -14.78
CA ASP B 324 -9.71 -35.16 -15.69
C ASP B 324 -9.20 -34.32 -16.87
N THR B 325 -10.11 -33.73 -17.64
CA THR B 325 -9.71 -32.90 -18.77
C THR B 325 -9.16 -31.55 -18.34
N LEU B 326 -9.52 -31.13 -17.12
CA LEU B 326 -9.10 -29.84 -16.56
C LEU B 326 -9.71 -28.71 -17.40
N GLU B 327 -10.98 -28.84 -17.72
CA GLU B 327 -11.68 -27.83 -18.49
C GLU B 327 -12.98 -27.40 -17.86
N LYS B 328 -13.23 -26.10 -17.89
CA LYS B 328 -14.44 -25.54 -17.32
C LYS B 328 -15.65 -26.06 -18.04
N VAL B 329 -16.53 -26.71 -17.30
CA VAL B 329 -17.77 -27.28 -17.81
C VAL B 329 -18.88 -26.22 -17.84
N LYS B 330 -18.98 -25.44 -16.76
CA LYS B 330 -19.99 -24.37 -16.65
C LYS B 330 -19.68 -23.44 -15.50
N ASN B 331 -20.55 -22.46 -15.28
CA ASN B 331 -20.41 -21.48 -14.20
C ASN B 331 -21.72 -21.33 -13.48
N ILE B 332 -21.64 -21.21 -12.17
CA ILE B 332 -22.82 -21.02 -11.34
C ILE B 332 -22.78 -19.58 -10.88
N LYS B 333 -23.66 -18.76 -11.44
CA LYS B 333 -23.73 -17.36 -11.06
C LYS B 333 -24.57 -17.25 -9.79
N LEU B 334 -23.96 -16.75 -8.72
CA LEU B 334 -24.64 -16.60 -7.44
C LEU B 334 -25.32 -15.26 -7.31
N PRO B 335 -26.47 -15.22 -6.63
CA PRO B 335 -27.21 -13.98 -6.43
C PRO B 335 -26.40 -13.06 -5.51
N GLY B 336 -26.32 -11.78 -5.87
CA GLY B 336 -25.59 -10.82 -5.07
C GLY B 336 -24.20 -10.46 -5.60
N GLY B 337 -23.25 -10.28 -4.69
CA GLY B 337 -21.91 -9.91 -5.08
C GLY B 337 -20.79 -10.89 -4.77
N ASP B 338 -19.61 -10.32 -4.54
CA ASP B 338 -18.39 -11.06 -4.27
C ASP B 338 -18.40 -12.11 -3.15
N MET B 339 -17.75 -13.24 -3.42
CA MET B 339 -17.60 -14.30 -2.44
C MET B 339 -16.44 -13.95 -1.52
N SER B 340 -15.52 -13.13 -2.03
CA SER B 340 -14.35 -12.71 -1.27
C SER B 340 -13.55 -13.90 -0.73
N THR B 341 -13.26 -13.93 0.57
CA THR B 341 -12.47 -15.03 1.14
C THR B 341 -13.26 -16.23 1.65
N THR B 342 -14.50 -16.38 1.19
CA THR B 342 -15.38 -17.47 1.58
C THR B 342 -14.83 -18.84 1.17
N THR B 343 -15.19 -19.86 1.93
CA THR B 343 -14.73 -21.21 1.64
C THR B 343 -15.89 -22.17 1.28
N PRO B 344 -16.00 -22.54 -0.01
CA PRO B 344 -17.03 -23.45 -0.50
C PRO B 344 -16.94 -24.78 0.25
N GLN B 345 -18.04 -25.16 0.89
CA GLN B 345 -18.13 -26.36 1.71
C GLN B 345 -19.13 -27.39 1.14
N VAL B 346 -18.65 -28.61 0.90
CA VAL B 346 -19.46 -29.69 0.33
C VAL B 346 -19.84 -30.72 1.39
N PHE B 347 -21.09 -31.19 1.34
CA PHE B 347 -21.59 -32.19 2.29
C PHE B 347 -22.79 -32.94 1.75
N ILE B 348 -23.07 -34.11 2.34
CA ILE B 348 -24.23 -34.92 1.97
C ILE B 348 -25.26 -34.73 3.09
N ARG B 349 -26.42 -34.19 2.73
CA ARG B 349 -27.49 -33.93 3.68
C ARG B 349 -28.02 -35.19 4.36
N ALA C 3 10.73 -1.48 -4.63
CA ALA C 3 9.77 -0.81 -3.70
C ALA C 3 9.85 0.69 -3.89
N VAL C 4 8.70 1.34 -3.79
CA VAL C 4 8.62 2.77 -3.95
C VAL C 4 7.90 3.29 -2.68
N ALA C 5 8.20 4.51 -2.25
CA ALA C 5 7.59 5.08 -1.04
C ALA C 5 6.05 5.03 -1.06
N GLY C 6 5.47 5.06 -2.25
CA GLY C 6 4.02 5.04 -2.38
C GLY C 6 3.38 3.67 -2.59
N CYS C 7 4.14 2.59 -2.38
CA CYS C 7 3.64 1.21 -2.54
C CYS C 7 3.88 0.31 -1.33
N THR C 8 3.20 -0.84 -1.28
CA THR C 8 3.36 -1.80 -0.16
C THR C 8 4.45 -2.81 -0.43
N ALA C 9 5.14 -3.20 0.63
CA ALA C 9 6.18 -4.21 0.57
C ALA C 9 5.64 -5.58 1.04
N THR C 10 4.38 -5.64 1.49
CA THR C 10 3.81 -6.90 1.96
C THR C 10 3.15 -7.62 0.79
N THR C 11 3.95 -8.49 0.19
CA THR C 11 3.56 -9.23 -0.99
C THR C 11 2.91 -10.60 -0.73
N ASP C 12 1.59 -10.59 -0.56
CA ASP C 12 0.80 -11.79 -0.30
C ASP C 12 -0.41 -11.91 -1.24
N PRO C 13 -0.24 -11.80 -2.56
CA PRO C 13 0.91 -11.57 -3.44
C PRO C 13 1.38 -10.10 -3.56
N GLY C 14 0.64 -9.20 -2.92
CA GLY C 14 1.01 -7.79 -2.98
C GLY C 14 -0.14 -6.95 -3.47
N TRP C 15 0.09 -5.66 -3.60
CA TRP C 15 -0.97 -4.79 -4.09
C TRP C 15 -0.53 -4.06 -5.34
N GLU C 16 0.60 -3.37 -5.25
CA GLU C 16 1.04 -2.57 -6.35
C GLU C 16 2.26 -3.09 -7.12
N VAL C 17 2.71 -4.27 -6.66
CA VAL C 17 3.81 -5.07 -7.23
C VAL C 17 3.83 -6.41 -6.46
N ASP C 18 4.05 -7.52 -7.17
CA ASP C 18 4.08 -8.81 -6.50
C ASP C 18 5.47 -9.12 -5.95
N ALA C 19 5.62 -10.31 -5.38
CA ALA C 19 6.89 -10.74 -4.79
C ALA C 19 7.99 -10.85 -5.84
N PHE C 20 7.59 -11.20 -7.05
CA PHE C 20 8.51 -11.36 -8.16
C PHE C 20 8.93 -10.03 -8.79
N GLY C 21 8.35 -8.93 -8.31
CA GLY C 21 8.69 -7.62 -8.84
C GLY C 21 7.92 -7.19 -10.07
N GLY C 22 6.90 -7.98 -10.41
CA GLY C 22 6.09 -7.66 -11.58
C GLY C 22 4.64 -7.44 -11.18
N VAL C 23 3.72 -7.70 -12.10
CA VAL C 23 2.30 -7.53 -11.82
C VAL C 23 1.50 -8.78 -12.14
N SER C 24 2.18 -9.85 -12.56
CA SER C 24 1.48 -11.08 -12.94
C SER C 24 0.91 -11.94 -11.81
N SER C 25 1.57 -11.98 -10.66
CA SER C 25 1.07 -12.77 -9.54
C SER C 25 -0.07 -12.07 -8.79
N LEU C 26 -0.41 -10.85 -9.22
CA LEU C 26 -1.49 -10.05 -8.62
C LEU C 26 -2.86 -10.54 -9.09
N CYS C 27 -3.93 -10.02 -8.48
CA CYS C 27 -5.31 -10.38 -8.86
C CYS C 27 -5.55 -9.95 -10.31
N GLN C 28 -6.19 -10.83 -11.07
CA GLN C 28 -6.49 -10.59 -12.48
C GLN C 28 -7.97 -10.81 -12.73
N PRO C 29 -8.77 -9.74 -12.76
CA PRO C 29 -8.30 -8.37 -12.56
C PRO C 29 -8.11 -8.09 -11.06
N MET C 30 -7.49 -6.95 -10.73
CA MET C 30 -7.27 -6.56 -9.35
C MET C 30 -8.53 -6.67 -8.49
N GLU C 31 -9.67 -6.39 -9.09
CA GLU C 31 -10.96 -6.45 -8.42
C GLU C 31 -11.27 -7.83 -7.85
N ALA C 32 -10.72 -8.88 -8.46
CA ALA C 32 -10.92 -10.25 -7.99
C ALA C 32 -10.32 -10.40 -6.61
N ASP C 33 -9.23 -9.66 -6.34
CA ASP C 33 -8.59 -9.69 -5.04
C ASP C 33 -8.71 -8.42 -4.18
N LEU C 34 -9.73 -7.63 -4.49
CA LEU C 34 -10.01 -6.38 -3.78
C LEU C 34 -10.57 -6.61 -2.38
N TYR C 35 -11.66 -7.36 -2.27
CA TYR C 35 -12.26 -7.63 -0.95
C TYR C 35 -11.45 -8.64 -0.14
N GLY C 36 -10.64 -9.43 -0.83
CA GLY C 36 -9.79 -10.38 -0.14
C GLY C 36 -8.71 -9.55 0.55
N CYS C 37 -8.49 -8.34 0.03
CA CYS C 37 -7.52 -7.42 0.61
C CYS C 37 -8.17 -6.51 1.63
N SER C 38 -9.42 -6.15 1.36
CA SER C 38 -10.18 -5.24 2.21
C SER C 38 -10.82 -5.84 3.47
N ASP C 39 -11.49 -6.99 3.35
CA ASP C 39 -12.14 -7.64 4.50
C ASP C 39 -11.23 -7.81 5.71
N PRO C 40 -10.01 -8.37 5.53
CA PRO C 40 -9.14 -8.53 6.69
C PRO C 40 -8.02 -7.47 6.79
N CYS C 41 -8.20 -6.35 6.07
CA CYS C 41 -7.22 -5.24 5.99
C CYS C 41 -5.81 -5.72 5.78
N TRP C 42 -5.58 -6.34 4.63
CA TRP C 42 -4.26 -6.85 4.33
C TRP C 42 -3.32 -5.72 3.87
N PRO C 44 -3.91 -2.05 4.48
CA PRO C 44 -4.59 -0.88 5.06
C PRO C 44 -4.12 0.51 4.63
N ALA C 45 -2.84 0.66 4.30
CA ALA C 45 -2.30 1.96 3.86
C ALA C 45 -2.75 2.33 2.45
N GLN C 46 -3.10 1.33 1.62
CA GLN C 46 -3.57 1.56 0.25
C GLN C 46 -5.04 1.21 0.06
N VAL C 47 -5.40 0.02 0.51
CA VAL C 47 -6.77 -0.48 0.42
C VAL C 47 -7.44 -0.36 1.80
N PRO C 48 -8.57 0.34 1.85
CA PRO C 48 -9.28 0.52 3.12
C PRO C 48 -9.88 -0.71 3.83
N ASP C 49 -9.48 -0.94 5.08
CA ASP C 49 -10.18 -1.93 5.92
C ASP C 49 -11.60 -1.88 6.27
N MET C 50 -12.27 -3.00 5.98
CA MET C 50 -13.67 -3.15 6.31
C MET C 50 -13.79 -3.94 7.61
N MET C 51 -12.71 -4.55 8.06
CA MET C 51 -12.72 -5.30 9.32
C MET C 51 -12.86 -4.35 10.47
N SER C 52 -12.23 -3.18 10.38
CA SER C 52 -12.29 -2.24 11.49
C SER C 52 -12.61 -0.79 11.21
N THR C 53 -11.82 -0.18 10.32
CA THR C 53 -11.93 1.23 10.02
C THR C 53 -13.04 1.74 9.12
N TYR C 54 -13.14 1.17 7.92
CA TYR C 54 -14.13 1.55 6.91
C TYR C 54 -15.03 0.35 6.59
N GLN C 55 -15.78 -0.09 7.58
CA GLN C 55 -16.65 -1.26 7.48
C GLN C 55 -17.73 -1.26 6.40
N ASP C 56 -18.16 -0.08 5.98
CA ASP C 56 -19.19 0.00 4.95
C ASP C 56 -18.63 0.52 3.63
N TRP C 57 -17.34 0.36 3.44
CA TRP C 57 -16.67 0.83 2.24
C TRP C 57 -17.33 0.36 0.93
N ASN C 58 -17.59 -0.94 0.81
CA ASN C 58 -18.20 -1.47 -0.41
C ASN C 58 -19.72 -1.55 -0.40
N ALA C 59 -20.38 -0.71 0.38
CA ALA C 59 -21.84 -0.73 0.46
C ALA C 59 -22.51 -0.64 -0.91
N GLN C 60 -22.05 0.28 -1.75
CA GLN C 60 -22.61 0.47 -3.08
C GLN C 60 -21.86 -0.34 -4.14
N ALA C 61 -21.03 -1.27 -3.72
CA ALA C 61 -20.27 -2.07 -4.67
C ALA C 61 -20.06 -3.51 -4.21
N SER C 62 -21.14 -4.19 -3.84
CA SER C 62 -21.07 -5.59 -3.39
C SER C 62 -20.45 -6.46 -4.48
N ASN C 63 -20.75 -6.13 -5.73
CA ASN C 63 -20.22 -6.84 -6.89
C ASN C 63 -19.14 -5.93 -7.48
N SER C 64 -17.89 -6.13 -7.04
CA SER C 64 -16.76 -5.33 -7.50
C SER C 64 -16.47 -5.44 -9.00
N ALA C 65 -16.83 -6.57 -9.61
CA ALA C 65 -16.62 -6.76 -11.04
C ALA C 65 -17.44 -5.74 -11.85
N GLU C 66 -18.63 -5.40 -11.36
CA GLU C 66 -19.46 -4.43 -12.06
C GLU C 66 -19.61 -3.06 -11.41
N ASP C 67 -19.45 -2.97 -10.09
CA ASP C 67 -19.62 -1.70 -9.39
C ASP C 67 -18.38 -1.09 -8.77
N TRP C 68 -17.22 -1.36 -9.36
CA TRP C 68 -15.94 -0.84 -8.88
C TRP C 68 -15.87 0.69 -8.91
N ARG C 69 -16.64 1.31 -9.81
CA ARG C 69 -16.66 2.76 -9.90
C ARG C 69 -17.19 3.43 -8.63
N ASN C 70 -18.07 2.72 -7.92
CA ASN C 70 -18.68 3.24 -6.68
C ASN C 70 -17.78 3.25 -5.45
N LEU C 71 -16.56 2.74 -5.59
CA LEU C 71 -15.63 2.71 -4.47
C LEU C 71 -14.96 4.07 -4.34
N GLY C 72 -15.20 4.74 -3.21
CA GLY C 72 -14.64 6.05 -2.99
C GLY C 72 -13.33 6.07 -2.23
N THR C 73 -12.72 7.24 -2.19
CA THR C 73 -11.48 7.45 -1.48
C THR C 73 -11.88 7.73 -0.03
N VAL C 74 -11.00 7.39 0.91
CA VAL C 74 -11.29 7.51 2.33
C VAL C 74 -10.73 8.64 3.20
N PHE C 75 -9.67 9.32 2.77
CA PHE C 75 -9.13 10.40 3.60
C PHE C 75 -10.08 11.60 3.63
N PRO C 76 -10.39 12.11 4.85
CA PRO C 76 -11.28 13.26 5.05
C PRO C 76 -10.64 14.59 4.63
N LYS C 77 -10.56 14.78 3.31
CA LYS C 77 -9.98 15.97 2.70
C LYS C 77 -10.79 17.22 3.00
N ASP C 78 -10.12 18.38 2.96
CA ASP C 78 -10.80 19.65 3.20
C ASP C 78 -11.93 19.76 2.20
N LYS C 79 -13.00 20.39 2.66
CA LYS C 79 -14.23 20.60 1.89
C LYS C 79 -14.96 19.26 1.65
#